data_3B99
#
_entry.id   3B99
#
_cell.length_a   58.470
_cell.length_b   88.044
_cell.length_c   190.142
_cell.angle_alpha   90.00
_cell.angle_beta   90.00
_cell.angle_gamma   90.00
#
_symmetry.space_group_name_H-M   'P 21 21 21'
#
loop_
_entity.id
_entity.type
_entity.pdbx_description
1 polymer 'Prostaglandin I2 synthase'
2 non-polymer 'PROTOPORPHYRIN IX CONTAINING FE'
3 non-polymer '(5Z)-7-{(1R,4S,5R,6R)-6-[(1E)-oct-1-en-1-yl]-2,3-diazabicyclo[2.2.1]hept-2-en-5-yl}hept-5-enoic acid'
4 water water
#
_entity_poly.entity_id   1
_entity_poly.type   'polypeptide(L)'
_entity_poly.pdbx_seq_one_letter_code
;MAKKTSSVLYGRRTRRRNEPPLDKGMIPWLGHALEFGKDAAKFLTRMKEKHGDIFTVRAAGLYITVLLDSNCYDAVLSDV
ASLDQTSYAQVLMKRIFNMILPSHNPESEKKRAEMHFQGASLTQLSNSMQNNLRLLMTPSEMGLKTSEWKKDGLFNLCYS
LLFKTGYLTVFGAENNNSAALTQIYEEFRRFDKLLPKLARTTVNKEEKQIASAAREKLWKWLTPSGLDRKPREQSWLGSY
VKQLQDEGIDAEMQRRAMLLQLWVTQGNAGPAAFWVMGYLLTHPEALRAVREEIQGGKHLRLEERQKNTPVFDSVLWETL
RLTAAALITRDVTQDKKICLSNGQEYHLRRGDRLCVFPFISPQMDPQIHQQPEMFQFDRFLNADRTEKKDFFKNGARVKY
PSVPWGTEDNLCPGRHFAVHAIKELVFTILTRFDVELCDKNATVPLVDPSRYGFGILQPAGDLEIRYRIRFHHHH
;
_entity_poly.pdbx_strand_id   A,B
#
loop_
_chem_comp.id
_chem_comp.type
_chem_comp.name
_chem_comp.formula
HEM non-polymer 'PROTOPORPHYRIN IX CONTAINING FE' 'C34 H32 Fe N4 O4'
U51 non-polymer '(5Z)-7-{(1R,4S,5R,6R)-6-[(1E)-oct-1-en-1-yl]-2,3-diazabicyclo[2.2.1]hept-2-en-5-yl}hept-5-enoic acid' 'C20 H32 N2 O2'
#
# COMPACT_ATOMS: atom_id res chain seq x y z
N ARG A 12 32.60 -27.13 -8.35
CA ARG A 12 33.35 -26.27 -9.33
C ARG A 12 32.95 -26.51 -10.79
N ARG A 13 32.22 -25.57 -11.38
CA ARG A 13 31.83 -25.70 -12.77
C ARG A 13 32.96 -25.31 -13.73
N THR A 14 33.12 -26.13 -14.77
CA THR A 14 34.16 -25.95 -15.76
C THR A 14 33.53 -25.97 -17.15
N ARG A 15 34.08 -25.19 -18.06
CA ARG A 15 33.62 -25.11 -19.43
C ARG A 15 33.94 -26.41 -20.17
N ARG A 16 32.93 -26.98 -20.83
CA ARG A 16 33.15 -28.11 -21.73
C ARG A 16 33.41 -27.61 -23.15
N ARG A 17 33.77 -28.55 -24.03
CA ARG A 17 34.01 -28.26 -25.44
C ARG A 17 32.78 -27.56 -26.03
N ASN A 18 33.01 -26.42 -26.68
CA ASN A 18 31.97 -25.70 -27.42
C ASN A 18 30.83 -25.16 -26.57
N GLU A 19 31.07 -25.06 -25.28
CA GLU A 19 30.18 -24.32 -24.40
C GLU A 19 30.52 -22.84 -24.59
N PRO A 20 29.52 -21.97 -24.35
CA PRO A 20 29.71 -20.52 -24.42
C PRO A 20 30.78 -20.05 -23.43
N PRO A 21 31.36 -18.85 -23.64
CA PRO A 21 32.18 -18.20 -22.61
C PRO A 21 31.48 -18.26 -21.24
N LEU A 22 32.26 -18.47 -20.19
CA LEU A 22 31.72 -18.74 -18.84
C LEU A 22 32.20 -17.68 -17.88
N ASP A 23 31.26 -16.99 -17.24
CA ASP A 23 31.60 -15.87 -16.39
C ASP A 23 30.95 -16.06 -15.04
N LYS A 24 31.76 -16.46 -14.08
CA LYS A 24 31.28 -16.85 -12.76
C LYS A 24 31.10 -15.66 -11.83
N GLY A 25 31.84 -14.58 -12.10
CA GLY A 25 31.96 -13.48 -11.16
C GLY A 25 32.84 -13.89 -10.00
N MET A 26 33.06 -12.98 -9.07
CA MET A 26 34.00 -13.20 -7.96
C MET A 26 33.36 -13.73 -6.68
N ILE A 27 32.08 -13.47 -6.48
CA ILE A 27 31.42 -13.96 -5.28
C ILE A 27 31.07 -15.46 -5.44
N PRO A 28 31.66 -16.33 -4.59
CA PRO A 28 31.36 -17.75 -4.67
C PRO A 28 29.86 -18.02 -4.62
N TRP A 29 29.41 -18.94 -5.47
CA TRP A 29 28.01 -19.38 -5.57
C TRP A 29 27.08 -18.33 -6.15
N LEU A 30 27.01 -17.18 -5.45
CA LEU A 30 26.08 -16.10 -5.77
C LEU A 30 26.33 -15.48 -7.15
N GLY A 31 27.60 -15.42 -7.55
CA GLY A 31 27.99 -14.88 -8.87
C GLY A 31 27.49 -13.47 -9.14
N HIS A 32 26.76 -13.31 -10.25
CA HIS A 32 26.38 -11.99 -10.74
C HIS A 32 24.93 -11.65 -10.39
N ALA A 33 24.35 -12.40 -9.44
CA ALA A 33 22.93 -12.29 -9.15
C ALA A 33 22.49 -10.86 -8.85
N LEU A 34 23.15 -10.22 -7.87
CA LEU A 34 22.86 -8.85 -7.48
C LEU A 34 22.77 -7.95 -8.69
N GLU A 35 23.90 -7.87 -9.39
CA GLU A 35 24.10 -6.97 -10.52
C GLU A 35 23.16 -7.25 -11.70
N PHE A 36 23.02 -8.53 -12.06
CA PHE A 36 22.04 -8.96 -13.06
C PHE A 36 20.65 -8.44 -12.65
N GLY A 37 20.31 -8.60 -11.37
CA GLY A 37 19.02 -8.16 -10.86
C GLY A 37 18.78 -6.65 -10.88
N LYS A 38 19.73 -5.88 -10.36
CA LYS A 38 19.58 -4.43 -10.27
C LYS A 38 19.25 -3.79 -11.62
N ASP A 39 20.01 -4.17 -12.65
CA ASP A 39 19.82 -3.61 -13.99
C ASP A 39 20.27 -4.62 -15.05
N ALA A 40 19.31 -5.36 -15.60
CA ALA A 40 19.61 -6.47 -16.51
C ALA A 40 20.13 -5.98 -17.86
N ALA A 41 19.68 -4.81 -18.30
CA ALA A 41 20.13 -4.27 -19.59
C ALA A 41 21.59 -3.86 -19.53
N LYS A 42 21.97 -3.13 -18.47
CA LYS A 42 23.33 -2.68 -18.27
C LYS A 42 24.30 -3.87 -18.10
N PHE A 43 23.94 -4.82 -17.24
CA PHE A 43 24.76 -6.00 -16.98
C PHE A 43 24.95 -6.91 -18.21
N LEU A 44 23.87 -7.20 -18.93
CA LEU A 44 23.95 -8.06 -20.12
C LEU A 44 24.62 -7.39 -21.29
N THR A 45 24.46 -6.08 -21.39
CA THR A 45 25.19 -5.27 -22.37
C THR A 45 26.68 -5.34 -22.07
N ARG A 46 27.01 -5.34 -20.79
CA ARG A 46 28.39 -5.39 -20.32
C ARG A 46 28.99 -6.70 -20.75
N MET A 47 28.21 -7.78 -20.60
CA MET A 47 28.65 -9.13 -20.89
C MET A 47 28.72 -9.38 -22.40
N LYS A 48 27.76 -8.83 -23.14
CA LYS A 48 27.80 -8.93 -24.59
C LYS A 48 29.11 -8.34 -25.11
N GLU A 49 29.47 -7.17 -24.60
CA GLU A 49 30.68 -6.45 -24.97
C GLU A 49 31.94 -7.27 -24.62
N LYS A 50 31.87 -7.96 -23.49
CA LYS A 50 32.98 -8.76 -22.99
C LYS A 50 33.12 -10.10 -23.75
N HIS A 51 31.99 -10.70 -24.13
CA HIS A 51 31.95 -12.10 -24.55
C HIS A 51 31.32 -12.34 -25.92
N GLY A 52 30.49 -11.43 -26.40
CA GLY A 52 29.74 -11.63 -27.66
C GLY A 52 28.27 -12.02 -27.53
N ASP A 53 27.72 -12.64 -28.57
CA ASP A 53 26.30 -12.88 -28.69
C ASP A 53 25.77 -14.02 -27.83
N ILE A 54 26.68 -14.80 -27.25
CA ILE A 54 26.30 -15.89 -26.36
C ILE A 54 27.33 -16.01 -25.25
N PHE A 55 26.86 -16.18 -24.02
CA PHE A 55 27.72 -16.35 -22.85
C PHE A 55 26.89 -16.95 -21.73
N THR A 56 27.57 -17.51 -20.74
CA THR A 56 26.94 -18.17 -19.61
C THR A 56 27.40 -17.52 -18.31
N VAL A 57 26.42 -17.15 -17.49
CA VAL A 57 26.67 -16.39 -16.30
C VAL A 57 26.21 -17.16 -15.06
N ARG A 58 26.96 -17.02 -13.97
CA ARG A 58 26.59 -17.63 -12.69
C ARG A 58 25.77 -16.62 -11.91
N ALA A 59 24.67 -17.11 -11.34
CA ALA A 59 23.82 -16.31 -10.49
C ALA A 59 23.07 -17.20 -9.49
N ALA A 60 23.34 -17.01 -8.21
CA ALA A 60 22.66 -17.75 -7.14
C ALA A 60 22.66 -19.26 -7.38
N GLY A 61 23.84 -19.84 -7.56
CA GLY A 61 24.01 -21.28 -7.74
C GLY A 61 23.60 -21.84 -9.09
N LEU A 62 23.03 -21.00 -9.96
CA LEU A 62 22.57 -21.43 -11.26
C LEU A 62 23.44 -20.83 -12.38
N TYR A 63 23.48 -21.53 -13.51
CA TYR A 63 24.18 -21.08 -14.70
C TYR A 63 23.19 -20.76 -15.80
N ILE A 64 23.28 -19.52 -16.29
CA ILE A 64 22.30 -18.96 -17.19
C ILE A 64 23.00 -18.57 -18.47
N THR A 65 22.61 -19.21 -19.57
CA THR A 65 23.15 -18.91 -20.88
C THR A 65 22.24 -17.90 -21.54
N VAL A 66 22.84 -16.86 -22.10
CA VAL A 66 22.10 -15.77 -22.71
C VAL A 66 22.43 -15.68 -24.19
N LEU A 67 21.40 -15.71 -25.02
CA LEU A 67 21.53 -15.64 -26.46
C LEU A 67 21.07 -14.27 -26.90
N LEU A 68 21.91 -13.59 -27.67
CA LEU A 68 21.65 -12.21 -28.10
C LEU A 68 21.82 -12.08 -29.61
N ASP A 69 21.90 -13.22 -30.29
CA ASP A 69 21.94 -13.26 -31.74
C ASP A 69 20.50 -13.46 -32.19
N SER A 70 19.85 -12.36 -32.56
CA SER A 70 18.41 -12.33 -32.84
C SER A 70 17.89 -13.24 -33.95
N ASN A 71 18.74 -13.66 -34.87
CA ASN A 71 18.26 -14.55 -35.96
C ASN A 71 18.14 -16.02 -35.55
N CYS A 72 18.58 -16.32 -34.33
CA CYS A 72 18.48 -17.64 -33.76
C CYS A 72 17.31 -17.81 -32.83
N TYR A 73 16.72 -16.68 -32.40
CA TYR A 73 15.67 -16.69 -31.37
C TYR A 73 14.54 -17.72 -31.63
N ASP A 74 13.86 -17.57 -32.78
CA ASP A 74 12.78 -18.46 -33.19
C ASP A 74 13.14 -19.94 -33.18
N ALA A 75 14.22 -20.30 -33.88
CA ALA A 75 14.59 -21.71 -34.02
C ALA A 75 14.96 -22.35 -32.69
N VAL A 76 15.73 -21.61 -31.87
CA VAL A 76 16.05 -22.07 -30.54
C VAL A 76 14.80 -22.19 -29.65
N LEU A 77 13.99 -21.14 -29.58
CA LEU A 77 12.83 -21.12 -28.66
C LEU A 77 11.70 -22.05 -29.08
N SER A 78 11.63 -22.37 -30.38
CA SER A 78 10.64 -23.33 -30.87
C SER A 78 10.83 -24.74 -30.29
N ASP A 79 12.00 -25.03 -29.76
CA ASP A 79 12.29 -26.38 -29.26
C ASP A 79 11.73 -26.62 -27.86
N VAL A 80 10.42 -26.81 -27.76
CA VAL A 80 9.78 -26.97 -26.46
C VAL A 80 10.06 -28.32 -25.76
N ALA A 81 10.64 -29.27 -26.49
CA ALA A 81 11.13 -30.51 -25.86
C ALA A 81 12.35 -30.26 -24.98
N SER A 82 13.18 -29.28 -25.35
CA SER A 82 14.40 -28.99 -24.61
C SER A 82 14.26 -27.78 -23.68
N LEU A 83 13.20 -27.00 -23.89
CA LEU A 83 13.06 -25.69 -23.25
C LEU A 83 11.73 -25.51 -22.56
N ASP A 84 11.77 -25.44 -21.23
CA ASP A 84 10.55 -25.38 -20.43
C ASP A 84 10.29 -23.96 -19.88
N GLN A 85 9.08 -23.45 -20.09
CA GLN A 85 8.64 -22.19 -19.46
C GLN A 85 8.08 -22.43 -18.05
N THR A 86 7.45 -23.60 -17.87
CA THR A 86 6.52 -23.85 -16.77
C THR A 86 7.08 -23.82 -15.35
N SER A 87 8.20 -24.49 -15.12
CA SER A 87 8.73 -24.60 -13.77
C SER A 87 9.21 -23.25 -13.23
N TYR A 88 9.73 -22.40 -14.10
CA TYR A 88 10.17 -21.08 -13.66
C TYR A 88 8.96 -20.24 -13.32
N ALA A 89 7.98 -20.25 -14.24
CA ALA A 89 6.69 -19.61 -14.03
C ALA A 89 6.07 -20.00 -12.68
N GLN A 90 6.21 -21.26 -12.28
CA GLN A 90 5.80 -21.71 -10.94
C GLN A 90 6.50 -20.93 -9.83
N VAL A 91 7.82 -20.95 -9.83
CA VAL A 91 8.60 -20.26 -8.82
C VAL A 91 8.23 -18.78 -8.75
N LEU A 92 8.16 -18.13 -9.91
CA LEU A 92 7.79 -16.73 -9.97
C LEU A 92 6.36 -16.54 -9.47
N MET A 93 5.46 -17.44 -9.84
CA MET A 93 4.10 -17.37 -9.33
C MET A 93 4.05 -17.45 -7.82
N LYS A 94 4.91 -18.29 -7.23
CA LYS A 94 4.97 -18.44 -5.76
C LYS A 94 5.60 -17.21 -5.12
N ARG A 95 6.74 -16.80 -5.66
CA ARG A 95 7.45 -15.64 -5.09
C ARG A 95 6.65 -14.35 -5.17
N ILE A 96 6.09 -14.05 -6.36
CA ILE A 96 5.38 -12.77 -6.58
C ILE A 96 3.93 -12.73 -6.08
N PHE A 97 3.14 -13.75 -6.40
CA PHE A 97 1.70 -13.70 -6.15
C PHE A 97 1.24 -14.52 -4.93
N ASN A 98 2.20 -15.13 -4.23
CA ASN A 98 1.95 -16.01 -3.09
C ASN A 98 0.90 -17.09 -3.42
N MET A 99 1.17 -17.81 -4.52
CA MET A 99 0.18 -18.65 -5.19
C MET A 99 0.66 -20.04 -5.53
N ILE A 100 -0.29 -20.96 -5.57
CA ILE A 100 -0.06 -22.34 -5.95
C ILE A 100 -1.33 -22.82 -6.68
N LEU A 101 -1.18 -23.61 -7.74
CA LEU A 101 -2.35 -24.11 -8.46
C LEU A 101 -2.22 -25.61 -8.74
N PRO A 102 -2.35 -26.44 -7.69
CA PRO A 102 -2.00 -27.86 -7.91
C PRO A 102 -2.85 -28.48 -9.01
N SER A 103 -2.19 -29.28 -9.86
CA SER A 103 -2.82 -29.98 -10.99
C SER A 103 -3.34 -29.09 -12.15
N HIS A 104 -3.03 -27.80 -12.11
CA HIS A 104 -3.41 -26.91 -13.19
C HIS A 104 -2.80 -27.33 -14.53
N ASN A 105 -3.66 -27.42 -15.54
CA ASN A 105 -3.25 -27.63 -16.93
C ASN A 105 -3.16 -26.27 -17.63
N PRO A 106 -1.92 -25.80 -17.88
CA PRO A 106 -1.69 -24.49 -18.50
C PRO A 106 -2.03 -24.47 -19.98
N GLU A 107 -2.13 -25.64 -20.58
CA GLU A 107 -2.35 -25.74 -22.03
C GLU A 107 -3.76 -25.36 -22.48
N SER A 108 -4.77 -25.83 -21.77
CA SER A 108 -6.15 -25.50 -22.12
C SER A 108 -6.44 -24.01 -21.90
N GLU A 109 -5.67 -23.38 -21.02
CA GLU A 109 -5.87 -21.96 -20.72
C GLU A 109 -4.99 -21.05 -21.58
N LYS A 110 -3.93 -21.59 -22.16
CA LYS A 110 -3.14 -20.87 -23.16
C LYS A 110 -3.92 -20.74 -24.48
N LYS A 111 -4.63 -21.81 -24.83
CA LYS A 111 -5.46 -21.87 -26.01
C LYS A 111 -6.59 -20.83 -25.95
N ARG A 112 -7.27 -20.75 -24.81
CA ARG A 112 -8.40 -19.85 -24.59
C ARG A 112 -7.99 -18.37 -24.58
N ALA A 113 -6.85 -18.08 -23.95
CA ALA A 113 -6.29 -16.74 -23.99
C ALA A 113 -6.03 -16.28 -25.43
N GLU A 114 -5.61 -17.20 -26.27
CA GLU A 114 -5.42 -16.92 -27.69
C GLU A 114 -6.75 -16.72 -28.42
N MET A 115 -7.78 -17.48 -28.06
CA MET A 115 -9.06 -17.36 -28.75
C MET A 115 -9.87 -16.15 -28.33
N HIS A 116 -9.85 -15.82 -27.04
CA HIS A 116 -10.66 -14.70 -26.53
C HIS A 116 -10.16 -13.33 -26.96
N PHE A 117 -8.88 -13.24 -27.28
CA PHE A 117 -8.30 -11.95 -27.64
C PHE A 117 -7.98 -11.79 -29.14
N GLN A 118 -8.50 -12.70 -29.95
CA GLN A 118 -8.51 -12.53 -31.41
C GLN A 118 -9.95 -12.58 -31.99
N GLY A 119 -10.07 -12.13 -33.25
CA GLY A 119 -11.31 -12.27 -34.04
C GLY A 119 -12.52 -11.56 -33.47
N ALA A 120 -13.68 -12.18 -33.64
CA ALA A 120 -14.94 -11.60 -33.21
C ALA A 120 -14.99 -11.38 -31.69
N SER A 121 -14.28 -12.25 -30.98
CA SER A 121 -14.15 -12.15 -29.53
C SER A 121 -13.40 -10.87 -29.13
N LEU A 122 -12.35 -10.54 -29.88
CA LEU A 122 -11.59 -9.32 -29.65
C LEU A 122 -12.39 -8.05 -30.02
N THR A 123 -13.17 -8.15 -31.10
CA THR A 123 -14.01 -7.02 -31.54
C THR A 123 -14.96 -6.58 -30.42
N GLN A 124 -15.58 -7.54 -29.75
CA GLN A 124 -16.48 -7.24 -28.64
C GLN A 124 -15.75 -6.57 -27.47
N LEU A 125 -14.66 -7.19 -26.98
CA LEU A 125 -13.84 -6.61 -25.92
C LEU A 125 -13.30 -5.22 -26.26
N SER A 126 -12.95 -4.99 -27.53
CA SER A 126 -12.47 -3.68 -27.96
C SER A 126 -13.56 -2.64 -27.93
N ASN A 127 -14.76 -3.05 -28.34
CA ASN A 127 -15.95 -2.19 -28.24
C ASN A 127 -16.18 -1.79 -26.79
N SER A 128 -16.15 -2.78 -25.88
CA SER A 128 -16.32 -2.51 -24.44
C SER A 128 -15.23 -1.61 -23.85
N MET A 129 -13.99 -1.89 -24.26
CA MET A 129 -12.86 -1.06 -23.91
C MET A 129 -13.11 0.43 -24.30
N GLN A 130 -13.57 0.66 -25.53
CA GLN A 130 -13.91 2.01 -26.01
C GLN A 130 -15.00 2.64 -25.15
N ASN A 131 -16.08 1.91 -24.92
CA ASN A 131 -17.16 2.40 -24.09
C ASN A 131 -16.73 2.71 -22.66
N ASN A 132 -15.96 1.80 -22.06
CA ASN A 132 -15.42 2.00 -20.72
C ASN A 132 -14.43 3.15 -20.62
N LEU A 133 -13.59 3.34 -21.64
CA LEU A 133 -12.68 4.48 -21.65
C LEU A 133 -13.44 5.80 -21.68
N ARG A 134 -14.52 5.87 -22.46
CA ARG A 134 -15.35 7.06 -22.50
C ARG A 134 -15.98 7.37 -21.16
N LEU A 135 -16.41 6.33 -20.45
CA LEU A 135 -16.96 6.51 -19.11
C LEU A 135 -15.91 7.06 -18.16
N LEU A 136 -14.65 6.71 -18.39
CA LEU A 136 -13.55 7.10 -17.48
C LEU A 136 -12.81 8.38 -17.88
N MET A 137 -13.20 9.00 -19.00
CA MET A 137 -12.53 10.22 -19.49
C MET A 137 -13.49 11.40 -19.56
N THR A 138 -14.52 11.28 -18.75
CA THR A 138 -15.46 12.32 -18.41
C THR A 138 -14.67 13.43 -17.69
N PRO A 139 -15.10 14.71 -17.84
CA PRO A 139 -14.49 15.78 -17.05
C PRO A 139 -14.35 15.39 -15.58
N SER A 140 -15.42 14.87 -15.00
CA SER A 140 -15.45 14.48 -13.59
C SER A 140 -14.42 13.41 -13.24
N GLU A 141 -14.30 12.41 -14.11
CA GLU A 141 -13.31 11.33 -13.95
C GLU A 141 -11.86 11.81 -14.15
N MET A 142 -11.70 12.86 -14.95
CA MET A 142 -10.37 13.43 -15.23
C MET A 142 -9.96 14.47 -14.19
N GLY A 143 -10.74 14.61 -13.11
CA GLY A 143 -10.44 15.57 -12.05
C GLY A 143 -10.52 17.04 -12.46
N LEU A 144 -11.39 17.36 -13.43
CA LEU A 144 -11.53 18.72 -13.93
C LEU A 144 -12.83 19.37 -13.47
N LYS A 145 -13.14 19.26 -12.17
CA LYS A 145 -14.36 19.85 -11.60
C LYS A 145 -14.07 21.15 -10.85
N THR A 146 -12.80 21.51 -10.73
CA THR A 146 -12.41 22.57 -9.83
C THR A 146 -11.61 23.69 -10.49
N SER A 147 -11.14 23.46 -11.71
CA SER A 147 -10.28 24.41 -12.41
C SER A 147 -10.21 24.12 -13.90
N GLU A 148 -9.56 25.02 -14.64
CA GLU A 148 -9.43 24.86 -16.08
C GLU A 148 -8.47 23.72 -16.41
N TRP A 149 -7.36 23.68 -15.66
CA TRP A 149 -6.26 22.76 -15.87
C TRP A 149 -6.10 21.83 -14.68
N LYS A 150 -5.67 20.61 -14.96
CA LYS A 150 -5.34 19.66 -13.90
C LYS A 150 -3.91 19.17 -14.05
N LYS A 151 -3.16 19.20 -12.95
CA LYS A 151 -1.77 18.72 -12.95
C LYS A 151 -1.74 17.23 -12.64
N ASP A 152 -0.93 16.50 -13.41
CA ASP A 152 -0.66 15.10 -13.15
C ASP A 152 0.68 14.65 -13.75
N GLY A 153 1.14 13.48 -13.34
CA GLY A 153 2.21 12.79 -14.05
C GLY A 153 1.62 12.05 -15.24
N LEU A 154 2.27 12.14 -16.39
CA LEU A 154 1.76 11.49 -17.59
C LEU A 154 1.63 9.98 -17.42
N PHE A 155 2.65 9.38 -16.82
CA PHE A 155 2.69 7.93 -16.52
C PHE A 155 1.50 7.51 -15.64
N ASN A 156 1.33 8.19 -14.53
CA ASN A 156 0.30 7.87 -13.56
C ASN A 156 -1.08 7.97 -14.19
N LEU A 157 -1.22 8.95 -15.08
CA LEU A 157 -2.48 9.20 -15.80
C LEU A 157 -2.75 8.12 -16.84
N CYS A 158 -1.74 7.78 -17.63
CA CYS A 158 -1.92 6.80 -18.69
C CYS A 158 -2.21 5.41 -18.09
N TYR A 159 -1.47 5.04 -17.04
CA TYR A 159 -1.68 3.79 -16.34
C TYR A 159 -3.06 3.75 -15.70
N SER A 160 -3.46 4.87 -15.09
CA SER A 160 -4.75 4.93 -14.41
C SER A 160 -5.84 4.63 -15.39
N LEU A 161 -5.79 5.29 -16.54
CA LEU A 161 -6.86 5.15 -17.52
C LEU A 161 -6.91 3.78 -18.19
N LEU A 162 -5.75 3.24 -18.55
CA LEU A 162 -5.78 1.91 -19.18
C LEU A 162 -5.98 0.79 -18.17
N PHE A 163 -5.44 0.97 -16.96
CA PHE A 163 -5.69 -0.03 -15.94
C PHE A 163 -7.19 -0.15 -15.69
N LYS A 164 -7.87 0.99 -15.55
CA LYS A 164 -9.29 1.01 -15.18
C LYS A 164 -10.13 0.47 -16.32
N THR A 165 -9.77 0.82 -17.54
CA THR A 165 -10.46 0.31 -18.71
C THR A 165 -10.25 -1.19 -18.89
N GLY A 166 -8.98 -1.62 -18.89
CA GLY A 166 -8.67 -3.05 -18.99
C GLY A 166 -9.42 -3.81 -17.92
N TYR A 167 -9.31 -3.34 -16.68
CA TYR A 167 -9.96 -3.98 -15.56
C TYR A 167 -11.47 -4.15 -15.75
N LEU A 168 -12.18 -3.04 -15.95
CA LEU A 168 -13.62 -3.05 -16.22
C LEU A 168 -13.97 -3.93 -17.41
N THR A 169 -13.22 -3.80 -18.48
CA THR A 169 -13.47 -4.63 -19.64
C THR A 169 -13.23 -6.14 -19.38
N VAL A 170 -12.01 -6.50 -18.97
CA VAL A 170 -11.63 -7.90 -18.88
C VAL A 170 -12.29 -8.65 -17.70
N PHE A 171 -12.54 -7.95 -16.60
CA PHE A 171 -13.12 -8.57 -15.42
C PHE A 171 -14.62 -8.31 -15.28
N GLY A 172 -15.14 -7.39 -16.10
CA GLY A 172 -16.56 -7.01 -16.06
C GLY A 172 -16.95 -6.63 -14.64
N ALA A 173 -16.18 -5.73 -14.06
CA ALA A 173 -16.28 -5.43 -12.64
C ALA A 173 -16.92 -4.07 -12.41
N GLU A 174 -18.07 -3.87 -13.05
CA GLU A 174 -18.84 -2.63 -12.90
C GLU A 174 -19.45 -2.50 -11.49
N ASN A 175 -19.36 -3.57 -10.71
CA ASN A 175 -19.65 -3.51 -9.27
C ASN A 175 -18.77 -2.52 -8.51
N ASN A 176 -17.65 -2.13 -9.11
CA ASN A 176 -16.73 -1.17 -8.50
C ASN A 176 -17.05 0.24 -8.99
N ASN A 177 -17.39 1.15 -8.07
CA ASN A 177 -17.66 2.56 -8.45
C ASN A 177 -16.35 3.35 -8.70
N SER A 178 -16.50 4.63 -9.09
CA SER A 178 -15.37 5.50 -9.49
C SER A 178 -14.25 5.57 -8.46
N ALA A 179 -14.62 5.72 -7.19
CA ALA A 179 -13.65 5.81 -6.12
C ALA A 179 -13.06 4.44 -5.75
N ALA A 180 -13.85 3.39 -5.93
CA ALA A 180 -13.38 2.01 -5.72
C ALA A 180 -12.32 1.61 -6.77
N LEU A 181 -12.51 2.06 -8.02
CA LEU A 181 -11.51 1.85 -9.08
C LEU A 181 -10.16 2.54 -8.80
N THR A 182 -10.23 3.76 -8.26
CA THR A 182 -9.03 4.51 -7.87
C THR A 182 -8.28 3.77 -6.75
N GLN A 183 -9.00 3.26 -5.76
CA GLN A 183 -8.38 2.49 -4.68
C GLN A 183 -7.66 1.23 -5.19
N ILE A 184 -8.31 0.51 -6.11
CA ILE A 184 -7.78 -0.73 -6.69
C ILE A 184 -6.49 -0.44 -7.46
N TYR A 185 -6.58 0.53 -8.36
CA TYR A 185 -5.44 0.99 -9.13
C TYR A 185 -4.26 1.37 -8.22
N GLU A 186 -4.54 2.10 -7.15
CA GLU A 186 -3.47 2.59 -6.31
C GLU A 186 -2.83 1.45 -5.55
N GLU A 187 -3.65 0.51 -5.09
CA GLU A 187 -3.14 -0.67 -4.44
C GLU A 187 -2.33 -1.53 -5.42
N PHE A 188 -2.86 -1.76 -6.61
CA PHE A 188 -2.17 -2.49 -7.64
C PHE A 188 -0.79 -1.91 -7.89
N ARG A 189 -0.73 -0.60 -8.11
CA ARG A 189 0.54 0.14 -8.24
C ARG A 189 1.55 -0.11 -7.13
N ARG A 190 1.10 -0.22 -5.88
CA ARG A 190 2.04 -0.53 -4.79
C ARG A 190 2.61 -1.93 -4.96
N PHE A 191 1.75 -2.85 -5.38
CA PHE A 191 2.16 -4.21 -5.70
C PHE A 191 3.11 -4.24 -6.89
N ASP A 192 2.69 -3.61 -8.00
CA ASP A 192 3.45 -3.59 -9.24
C ASP A 192 4.87 -3.05 -9.03
N LYS A 193 4.97 -1.94 -8.30
CA LYS A 193 6.24 -1.30 -7.96
C LYS A 193 7.24 -2.29 -7.37
N LEU A 194 6.73 -3.24 -6.60
CA LEU A 194 7.56 -4.13 -5.80
C LEU A 194 7.76 -5.50 -6.45
N LEU A 195 7.16 -5.68 -7.63
CA LEU A 195 7.10 -6.98 -8.27
C LEU A 195 8.47 -7.50 -8.73
N PRO A 196 9.33 -6.61 -9.28
CA PRO A 196 10.72 -6.97 -9.57
C PRO A 196 11.55 -7.47 -8.37
N LYS A 197 11.53 -6.74 -7.25
CA LYS A 197 12.30 -7.14 -6.08
C LYS A 197 11.73 -8.45 -5.58
N LEU A 198 10.42 -8.56 -5.65
CA LEU A 198 9.72 -9.74 -5.20
C LEU A 198 10.10 -10.90 -6.08
N ALA A 199 10.27 -10.66 -7.38
CA ALA A 199 10.66 -11.75 -8.27
C ALA A 199 12.08 -12.23 -8.00
N ARG A 200 12.92 -11.35 -7.44
CA ARG A 200 14.33 -11.64 -7.20
C ARG A 200 14.64 -12.11 -5.78
N THR A 201 13.66 -12.05 -4.88
CA THR A 201 13.86 -12.41 -3.45
C THR A 201 14.80 -11.41 -2.76
N THR A 202 14.69 -10.15 -3.18
CA THR A 202 15.56 -9.07 -2.70
C THR A 202 14.72 -8.11 -1.83
N VAL A 203 13.55 -8.56 -1.41
CA VAL A 203 12.69 -7.72 -0.58
C VAL A 203 13.22 -7.58 0.84
N ASN A 204 13.37 -6.34 1.29
CA ASN A 204 13.67 -6.07 2.69
C ASN A 204 12.41 -6.17 3.57
N LYS A 205 12.57 -5.94 4.87
CA LYS A 205 11.48 -6.13 5.85
C LYS A 205 10.23 -5.34 5.48
N GLU A 206 10.38 -4.04 5.35
CA GLU A 206 9.27 -3.12 5.10
C GLU A 206 8.55 -3.47 3.81
N GLU A 207 9.32 -3.70 2.75
CA GLU A 207 8.81 -4.02 1.41
C GLU A 207 8.05 -5.35 1.35
N LYS A 208 8.44 -6.30 2.19
CA LYS A 208 7.75 -7.56 2.27
C LYS A 208 6.35 -7.35 2.87
N GLN A 209 6.25 -6.41 3.82
CA GLN A 209 4.99 -6.10 4.50
C GLN A 209 4.04 -5.33 3.61
N ILE A 210 4.58 -4.39 2.84
CA ILE A 210 3.77 -3.55 1.94
C ILE A 210 3.22 -4.44 0.83
N ALA A 211 4.06 -5.35 0.34
CA ALA A 211 3.68 -6.31 -0.69
C ALA A 211 2.57 -7.22 -0.18
N SER A 212 2.77 -7.73 1.03
CA SER A 212 1.82 -8.63 1.64
C SER A 212 0.49 -7.92 1.93
N ALA A 213 0.57 -6.65 2.30
CA ALA A 213 -0.63 -5.86 2.61
C ALA A 213 -1.44 -5.55 1.35
N ALA A 214 -0.74 -5.13 0.29
CA ALA A 214 -1.38 -4.87 -1.00
C ALA A 214 -2.03 -6.10 -1.61
N ARG A 215 -1.33 -7.25 -1.54
CA ARG A 215 -1.88 -8.52 -2.07
C ARG A 215 -3.21 -8.88 -1.40
N GLU A 216 -3.28 -8.71 -0.08
CA GLU A 216 -4.45 -9.09 0.69
C GLU A 216 -5.66 -8.21 0.41
N LYS A 217 -5.44 -6.91 0.30
CA LYS A 217 -6.53 -6.01 -0.08
C LYS A 217 -7.00 -6.37 -1.48
N LEU A 218 -6.08 -6.61 -2.39
CA LEU A 218 -6.44 -6.91 -3.78
C LEU A 218 -7.17 -8.26 -3.90
N TRP A 219 -6.76 -9.26 -3.12
CA TRP A 219 -7.43 -10.56 -3.17
C TRP A 219 -8.90 -10.44 -2.81
N LYS A 220 -9.21 -9.60 -1.82
CA LYS A 220 -10.58 -9.37 -1.39
C LYS A 220 -11.34 -8.55 -2.43
N TRP A 221 -10.74 -7.45 -2.91
CA TRP A 221 -11.43 -6.53 -3.79
C TRP A 221 -11.75 -7.14 -5.14
N LEU A 222 -10.84 -7.96 -5.67
CA LEU A 222 -10.98 -8.47 -7.03
C LEU A 222 -12.03 -9.59 -7.19
N THR A 223 -12.46 -10.17 -6.08
CA THR A 223 -13.52 -11.20 -6.06
C THR A 223 -14.67 -10.68 -5.19
N PRO A 224 -15.80 -10.26 -5.80
CA PRO A 224 -16.88 -9.66 -5.02
C PRO A 224 -17.67 -10.72 -4.27
N SER A 225 -17.07 -11.29 -3.22
CA SER A 225 -17.61 -12.43 -2.51
C SER A 225 -19.05 -12.25 -2.08
N GLY A 226 -19.36 -11.07 -1.53
CA GLY A 226 -20.65 -10.83 -0.88
C GLY A 226 -21.80 -10.75 -1.84
N LEU A 227 -21.49 -10.64 -3.13
CA LEU A 227 -22.51 -10.45 -4.15
C LEU A 227 -22.84 -11.75 -4.87
N ASP A 228 -24.11 -11.90 -5.24
CA ASP A 228 -24.58 -13.09 -5.95
C ASP A 228 -24.54 -12.85 -7.46
N ARG A 229 -23.34 -12.58 -7.95
CA ARG A 229 -23.11 -12.33 -9.38
C ARG A 229 -22.81 -13.63 -10.11
N LYS A 230 -23.83 -14.18 -10.78
CA LYS A 230 -23.72 -15.46 -11.46
C LYS A 230 -22.58 -15.39 -12.47
N PRO A 231 -21.62 -16.33 -12.39
CA PRO A 231 -20.44 -16.24 -13.23
C PRO A 231 -20.80 -16.48 -14.70
N ARG A 232 -20.13 -15.73 -15.58
CA ARG A 232 -20.30 -15.91 -17.00
C ARG A 232 -19.17 -16.82 -17.47
N GLU A 233 -19.48 -18.11 -17.55
CA GLU A 233 -18.49 -19.15 -17.79
C GLU A 233 -17.95 -19.22 -19.24
N GLN A 234 -18.62 -18.53 -20.16
CA GLN A 234 -18.17 -18.48 -21.57
C GLN A 234 -17.26 -17.28 -21.86
N SER A 235 -17.18 -16.35 -20.91
CA SER A 235 -16.24 -15.23 -21.03
C SER A 235 -14.81 -15.70 -20.77
N TRP A 236 -13.85 -14.87 -21.14
CA TRP A 236 -12.46 -15.20 -20.90
C TRP A 236 -12.18 -15.50 -19.42
N LEU A 237 -12.45 -14.51 -18.57
CA LEU A 237 -12.19 -14.67 -17.13
C LEU A 237 -13.05 -15.78 -16.49
N GLY A 238 -14.33 -15.86 -16.87
CA GLY A 238 -15.23 -16.89 -16.35
C GLY A 238 -14.80 -18.32 -16.65
N SER A 239 -14.36 -18.59 -17.89
CA SER A 239 -13.88 -19.93 -18.28
C SER A 239 -12.60 -20.28 -17.54
N TYR A 240 -11.84 -19.25 -17.20
CA TYR A 240 -10.61 -19.43 -16.45
C TYR A 240 -10.92 -19.89 -15.03
N VAL A 241 -11.83 -19.19 -14.34
CA VAL A 241 -12.21 -19.55 -12.98
C VAL A 241 -12.86 -20.94 -12.92
N LYS A 242 -13.71 -21.22 -13.89
CA LYS A 242 -14.39 -22.50 -14.00
C LYS A 242 -13.38 -23.65 -14.11
N GLN A 243 -12.37 -23.48 -14.97
CA GLN A 243 -11.29 -24.48 -15.10
C GLN A 243 -10.59 -24.74 -13.77
N LEU A 244 -10.26 -23.66 -13.05
CA LEU A 244 -9.62 -23.80 -11.74
C LEU A 244 -10.50 -24.55 -10.74
N GLN A 245 -11.80 -24.25 -10.77
CA GLN A 245 -12.79 -24.91 -9.93
C GLN A 245 -12.90 -26.38 -10.28
N ASP A 246 -12.93 -26.70 -11.58
CA ASP A 246 -13.01 -28.10 -12.04
C ASP A 246 -11.75 -28.89 -11.70
N GLU A 247 -10.64 -28.17 -11.53
CA GLU A 247 -9.35 -28.79 -11.16
C GLU A 247 -9.20 -28.96 -9.63
N GLY A 248 -10.24 -28.60 -8.87
CA GLY A 248 -10.20 -28.76 -7.41
C GLY A 248 -9.41 -27.69 -6.67
N ILE A 249 -9.09 -26.60 -7.35
CA ILE A 249 -8.34 -25.50 -6.76
C ILE A 249 -9.29 -24.72 -5.87
N ASP A 250 -8.87 -24.46 -4.64
CA ASP A 250 -9.79 -23.94 -3.63
C ASP A 250 -10.11 -22.47 -3.86
N ALA A 251 -11.16 -21.98 -3.18
CA ALA A 251 -11.64 -20.59 -3.33
C ALA A 251 -10.56 -19.55 -3.06
N GLU A 252 -9.74 -19.79 -2.04
CA GLU A 252 -8.65 -18.86 -1.72
C GLU A 252 -7.67 -18.68 -2.89
N MET A 253 -7.31 -19.78 -3.56
CA MET A 253 -6.42 -19.69 -4.71
C MET A 253 -7.12 -19.03 -5.90
N GLN A 254 -8.41 -19.35 -6.12
CA GLN A 254 -9.17 -18.61 -7.14
C GLN A 254 -9.04 -17.13 -6.91
N ARG A 255 -9.33 -16.68 -5.68
CA ARG A 255 -9.17 -15.29 -5.31
C ARG A 255 -7.78 -14.75 -5.63
N ARG A 256 -6.74 -15.55 -5.41
CA ARG A 256 -5.37 -15.10 -5.67
C ARG A 256 -5.02 -15.06 -7.14
N ALA A 257 -5.62 -15.96 -7.93
CA ALA A 257 -5.41 -15.99 -9.37
C ALA A 257 -5.87 -14.69 -10.02
N MET A 258 -6.87 -14.03 -9.43
CA MET A 258 -7.36 -12.75 -9.94
C MET A 258 -6.26 -11.69 -9.99
N LEU A 259 -5.44 -11.61 -8.94
CA LEU A 259 -4.30 -10.69 -8.97
C LEU A 259 -3.24 -11.11 -10.00
N LEU A 260 -3.05 -12.41 -10.17
CA LEU A 260 -2.17 -12.91 -11.25
C LEU A 260 -2.69 -12.49 -12.61
N GLN A 261 -3.99 -12.66 -12.84
CA GLN A 261 -4.58 -12.30 -14.13
C GLN A 261 -4.70 -10.79 -14.30
N LEU A 262 -4.76 -10.06 -13.19
CA LEU A 262 -4.78 -8.60 -13.24
C LEU A 262 -3.47 -8.10 -13.78
N TRP A 263 -2.37 -8.64 -13.28
CA TRP A 263 -1.03 -8.25 -13.74
C TRP A 263 -0.79 -8.64 -15.19
N VAL A 264 -1.20 -9.85 -15.55
CA VAL A 264 -0.97 -10.37 -16.89
C VAL A 264 -1.65 -9.48 -17.91
N THR A 265 -2.81 -8.94 -17.57
CA THR A 265 -3.63 -8.19 -18.53
C THR A 265 -3.48 -6.66 -18.44
N GLN A 266 -3.03 -6.15 -17.29
CA GLN A 266 -3.01 -4.69 -17.08
C GLN A 266 -1.64 -4.07 -16.84
N GLY A 267 -0.61 -4.90 -16.76
CA GLY A 267 0.70 -4.40 -16.31
C GLY A 267 1.64 -3.82 -17.35
N ASN A 268 1.17 -3.73 -18.60
CA ASN A 268 2.00 -3.26 -19.72
C ASN A 268 1.38 -2.12 -20.52
N ALA A 269 0.08 -2.23 -20.82
CA ALA A 269 -0.55 -1.33 -21.78
C ALA A 269 -0.51 0.16 -21.39
N GLY A 270 -0.89 0.48 -20.16
CA GLY A 270 -0.87 1.83 -19.66
C GLY A 270 0.54 2.39 -19.72
N PRO A 271 1.50 1.67 -19.15
CA PRO A 271 2.90 2.06 -19.32
C PRO A 271 3.32 2.31 -20.79
N ALA A 272 2.98 1.43 -21.73
CA ALA A 272 3.30 1.68 -23.15
C ALA A 272 2.66 2.97 -23.69
N ALA A 273 1.39 3.19 -23.36
CA ALA A 273 0.71 4.42 -23.75
C ALA A 273 1.40 5.65 -23.14
N PHE A 274 1.96 5.49 -21.94
CA PHE A 274 2.69 6.60 -21.37
C PHE A 274 3.87 6.97 -22.26
N TRP A 275 4.69 5.97 -22.60
CA TRP A 275 5.88 6.23 -23.42
C TRP A 275 5.47 6.82 -24.76
N VAL A 276 4.45 6.25 -25.42
CA VAL A 276 3.97 6.82 -26.69
C VAL A 276 3.68 8.33 -26.54
N MET A 277 2.91 8.69 -25.51
CA MET A 277 2.52 10.06 -25.27
C MET A 277 3.73 10.90 -24.86
N GLY A 278 4.59 10.31 -24.01
CA GLY A 278 5.85 10.93 -23.63
C GLY A 278 6.67 11.31 -24.84
N TYR A 279 6.87 10.37 -25.76
CA TYR A 279 7.68 10.63 -26.93
C TYR A 279 7.08 11.67 -27.89
N LEU A 280 5.76 11.61 -28.10
CA LEU A 280 5.07 12.61 -28.90
C LEU A 280 5.15 14.01 -28.28
N LEU A 281 4.85 14.14 -26.99
CA LEU A 281 4.92 15.45 -26.34
C LEU A 281 6.32 16.08 -26.36
N THR A 282 7.35 15.24 -26.51
CA THR A 282 8.73 15.72 -26.56
C THR A 282 9.30 15.76 -27.97
N HIS A 283 8.58 15.21 -28.94
CA HIS A 283 9.02 15.26 -30.32
C HIS A 283 7.91 15.88 -31.17
N PRO A 284 7.94 17.22 -31.32
CA PRO A 284 6.86 17.92 -31.99
C PRO A 284 6.63 17.50 -33.45
N GLU A 285 7.69 17.10 -34.15
CA GLU A 285 7.52 16.68 -35.54
C GLU A 285 6.72 15.38 -35.64
N ALA A 286 7.00 14.45 -34.72
CA ALA A 286 6.22 13.22 -34.57
C ALA A 286 4.77 13.52 -34.17
N LEU A 287 4.59 14.43 -33.21
CA LEU A 287 3.25 14.84 -32.79
C LEU A 287 2.40 15.45 -33.92
N ARG A 288 3.05 16.21 -34.80
CA ARG A 288 2.38 16.82 -35.94
C ARG A 288 1.89 15.76 -36.90
N ALA A 289 2.81 14.89 -37.33
CA ALA A 289 2.52 13.81 -38.28
C ALA A 289 1.43 12.86 -37.78
N VAL A 290 1.36 12.66 -36.46
CA VAL A 290 0.28 11.87 -35.85
C VAL A 290 -1.04 12.66 -35.89
N ARG A 291 -1.01 13.89 -35.42
CA ARG A 291 -2.20 14.78 -35.39
C ARG A 291 -2.81 15.01 -36.76
N GLU A 292 -1.97 15.31 -37.76
CA GLU A 292 -2.44 15.35 -39.16
C GLU A 292 -3.15 14.06 -39.55
N GLU A 293 -2.52 12.92 -39.30
CA GLU A 293 -3.05 11.61 -39.67
C GLU A 293 -4.44 11.32 -39.11
N ILE A 294 -4.72 11.86 -37.92
CA ILE A 294 -5.99 11.62 -37.20
C ILE A 294 -7.25 12.16 -37.91
N GLN A 295 -7.13 12.47 -39.20
CA GLN A 295 -8.24 13.01 -39.98
C GLN A 295 -8.36 12.32 -41.34
N ASN A 308 -6.56 2.02 -40.59
CA ASN A 308 -5.32 2.24 -41.32
C ASN A 308 -4.59 3.56 -40.96
N THR A 309 -3.54 3.42 -40.16
CA THR A 309 -2.78 4.55 -39.62
C THR A 309 -1.28 4.27 -39.67
N PRO A 310 -0.65 4.45 -40.85
CA PRO A 310 0.74 4.01 -41.05
C PRO A 310 1.75 4.77 -40.19
N VAL A 311 1.48 6.04 -39.95
CA VAL A 311 2.37 6.88 -39.14
C VAL A 311 2.33 6.44 -37.70
N PHE A 312 1.13 6.44 -37.12
CA PHE A 312 0.98 6.02 -35.73
C PHE A 312 1.54 4.63 -35.52
N ASP A 313 1.32 3.76 -36.50
CA ASP A 313 1.85 2.41 -36.47
C ASP A 313 3.35 2.40 -36.24
N SER A 314 4.04 3.29 -36.93
CA SER A 314 5.48 3.43 -36.82
C SER A 314 5.87 3.98 -35.45
N VAL A 315 5.04 4.88 -34.93
CA VAL A 315 5.29 5.55 -33.66
C VAL A 315 5.19 4.53 -32.52
N LEU A 316 4.20 3.66 -32.62
CA LEU A 316 3.99 2.63 -31.61
C LEU A 316 5.15 1.66 -31.67
N TRP A 317 5.52 1.26 -32.87
CA TRP A 317 6.59 0.28 -33.07
C TRP A 317 7.93 0.83 -32.57
N GLU A 318 8.17 2.12 -32.79
CA GLU A 318 9.36 2.75 -32.25
C GLU A 318 9.33 2.73 -30.71
N THR A 319 8.19 3.12 -30.14
CA THR A 319 8.01 3.15 -28.69
C THR A 319 8.30 1.78 -28.07
N LEU A 320 7.84 0.73 -28.77
CA LEU A 320 8.03 -0.64 -28.32
C LEU A 320 9.48 -1.11 -28.49
N ARG A 321 10.14 -0.59 -29.52
CA ARG A 321 11.56 -0.87 -29.66
C ARG A 321 12.30 -0.39 -28.43
N LEU A 322 11.99 0.84 -27.99
CA LEU A 322 12.68 1.50 -26.89
C LEU A 322 12.32 1.01 -25.51
N THR A 323 11.15 0.41 -25.36
CA THR A 323 10.59 0.17 -24.02
C THR A 323 10.03 -1.24 -23.74
N ALA A 324 9.91 -2.09 -24.79
CA ALA A 324 9.45 -3.47 -24.59
C ALA A 324 10.63 -4.38 -24.29
N ALA A 325 10.79 -4.68 -23.00
CA ALA A 325 11.98 -5.35 -22.50
C ALA A 325 11.66 -6.61 -21.70
N ALA A 326 10.98 -7.57 -22.32
CA ALA A 326 10.79 -8.89 -21.73
C ALA A 326 12.06 -9.72 -21.81
N LEU A 327 12.44 -10.33 -20.71
CA LEU A 327 13.55 -11.28 -20.72
C LEU A 327 12.95 -12.67 -20.83
N ILE A 328 12.79 -13.13 -22.08
CA ILE A 328 12.23 -14.45 -22.33
C ILE A 328 13.15 -15.54 -21.73
N THR A 329 12.64 -16.26 -20.72
CA THR A 329 13.46 -17.18 -19.95
C THR A 329 12.92 -18.61 -20.02
N ARG A 330 13.85 -19.58 -20.09
CA ARG A 330 13.50 -20.99 -20.16
C ARG A 330 14.50 -21.84 -19.40
N ASP A 331 14.03 -22.90 -18.73
CA ASP A 331 14.92 -23.95 -18.22
C ASP A 331 15.28 -24.97 -19.30
N VAL A 332 16.56 -25.29 -19.40
CA VAL A 332 17.03 -26.30 -20.34
C VAL A 332 16.81 -27.70 -19.74
N THR A 333 15.91 -28.45 -20.36
CA THR A 333 15.52 -29.76 -19.87
C THR A 333 16.36 -30.88 -20.47
N GLN A 334 17.06 -30.57 -21.55
CA GLN A 334 18.02 -31.52 -22.09
C GLN A 334 19.12 -30.80 -22.89
N ASP A 335 20.32 -31.35 -22.85
CA ASP A 335 21.45 -30.85 -23.65
C ASP A 335 21.00 -30.47 -25.06
N LYS A 336 21.47 -29.30 -25.52
CA LYS A 336 21.05 -28.80 -26.81
C LYS A 336 22.20 -28.18 -27.56
N LYS A 337 22.36 -28.58 -28.83
CA LYS A 337 23.33 -27.99 -29.74
C LYS A 337 22.65 -26.82 -30.45
N ILE A 338 23.35 -25.70 -30.50
CA ILE A 338 22.80 -24.46 -31.03
C ILE A 338 23.80 -23.76 -31.93
N CYS A 339 23.30 -23.09 -32.95
CA CYS A 339 24.15 -22.53 -33.99
C CYS A 339 23.88 -21.03 -34.21
N LEU A 340 24.93 -20.21 -34.14
CA LEU A 340 24.79 -18.76 -34.37
C LEU A 340 24.85 -18.43 -35.86
N SER A 341 24.55 -17.19 -36.23
CA SER A 341 24.51 -16.85 -37.66
C SER A 341 25.83 -17.07 -38.42
N ASN A 342 26.95 -17.04 -37.69
CA ASN A 342 28.27 -17.27 -38.27
C ASN A 342 28.61 -18.75 -38.42
N GLY A 343 27.73 -19.61 -37.91
CA GLY A 343 27.87 -21.05 -38.08
C GLY A 343 28.52 -21.77 -36.91
N GLN A 344 29.14 -21.02 -36.00
CA GLN A 344 29.74 -21.61 -34.81
C GLN A 344 28.67 -22.26 -33.93
N GLU A 345 29.06 -23.35 -33.28
CA GLU A 345 28.14 -24.24 -32.57
C GLU A 345 28.37 -24.10 -31.08
N TYR A 346 27.29 -24.08 -30.31
CA TYR A 346 27.40 -24.06 -28.86
C TYR A 346 26.48 -25.07 -28.21
N HIS A 347 26.89 -25.56 -27.05
CA HIS A 347 26.13 -26.55 -26.28
C HIS A 347 25.58 -25.98 -24.96
N LEU A 348 24.25 -26.04 -24.82
CA LEU A 348 23.61 -25.77 -23.54
C LEU A 348 23.53 -27.07 -22.78
N ARG A 349 23.59 -27.02 -21.46
CA ARG A 349 23.39 -28.24 -20.71
C ARG A 349 22.12 -28.25 -19.85
N ARG A 350 21.46 -29.41 -19.84
CA ARG A 350 20.34 -29.70 -18.94
C ARG A 350 20.65 -29.13 -17.54
N GLY A 351 19.65 -28.46 -16.95
CA GLY A 351 19.77 -27.87 -15.62
C GLY A 351 20.14 -26.37 -15.61
N ASP A 352 20.67 -25.89 -16.74
CA ASP A 352 20.94 -24.48 -16.92
C ASP A 352 19.65 -23.73 -17.29
N ARG A 353 19.71 -22.41 -17.21
CA ARG A 353 18.66 -21.56 -17.79
C ARG A 353 19.13 -21.01 -19.12
N LEU A 354 18.18 -20.76 -20.01
CA LEU A 354 18.40 -19.97 -21.22
C LEU A 354 17.58 -18.66 -21.17
N CYS A 355 18.25 -17.53 -21.45
CA CYS A 355 17.56 -16.26 -21.65
C CYS A 355 17.79 -15.70 -23.05
N VAL A 356 16.74 -15.09 -23.58
CA VAL A 356 16.77 -14.42 -24.85
C VAL A 356 16.27 -13.00 -24.57
N PHE A 357 16.98 -11.99 -25.07
CA PHE A 357 16.70 -10.58 -24.72
C PHE A 357 16.64 -9.65 -25.93
N PRO A 358 15.51 -9.63 -26.64
CA PRO A 358 15.40 -8.79 -27.84
C PRO A 358 15.60 -7.29 -27.58
N PHE A 359 15.43 -6.84 -26.33
CA PHE A 359 15.72 -5.45 -26.01
C PHE A 359 17.15 -5.07 -26.44
N ILE A 360 18.12 -5.86 -26.00
CA ILE A 360 19.54 -5.58 -26.27
C ILE A 360 19.84 -5.71 -27.76
N SER A 361 19.48 -6.85 -28.36
CA SER A 361 19.50 -7.00 -29.82
C SER A 361 18.33 -7.85 -30.26
N PRO A 362 17.56 -7.41 -31.27
CA PRO A 362 17.81 -6.29 -32.20
C PRO A 362 17.38 -4.89 -31.74
N GLN A 363 16.44 -4.81 -30.82
CA GLN A 363 15.83 -3.51 -30.51
C GLN A 363 16.83 -2.40 -30.26
N MET A 364 17.84 -2.65 -29.43
CA MET A 364 18.81 -1.59 -29.07
C MET A 364 20.21 -1.79 -29.62
N ASP A 365 20.29 -2.53 -30.72
CA ASP A 365 21.54 -2.88 -31.34
C ASP A 365 21.95 -1.77 -32.33
N PRO A 366 23.05 -1.04 -32.03
CA PRO A 366 23.48 0.06 -32.91
C PRO A 366 23.92 -0.40 -34.31
N GLN A 367 24.22 -1.68 -34.47
CA GLN A 367 24.59 -2.23 -35.78
C GLN A 367 23.36 -2.54 -36.64
N ILE A 368 22.17 -2.32 -36.07
CA ILE A 368 20.90 -2.59 -36.76
C ILE A 368 20.10 -1.30 -36.91
N HIS A 369 19.94 -0.59 -35.79
CA HIS A 369 19.24 0.68 -35.75
C HIS A 369 20.23 1.75 -35.34
N GLN A 370 20.56 2.64 -36.28
CA GLN A 370 21.56 3.65 -35.95
C GLN A 370 20.96 4.64 -34.96
N GLN A 371 21.77 5.04 -33.98
CA GLN A 371 21.33 5.84 -32.85
C GLN A 371 20.12 5.19 -32.18
N PRO A 372 20.34 4.05 -31.51
CA PRO A 372 19.21 3.28 -30.98
C PRO A 372 18.56 3.90 -29.74
N GLU A 373 19.31 4.73 -29.00
CA GLU A 373 18.76 5.44 -27.83
C GLU A 373 17.79 6.57 -28.20
N MET A 374 17.74 6.94 -29.49
CA MET A 374 16.94 8.08 -29.97
C MET A 374 15.57 7.68 -30.53
N PHE A 375 14.54 8.43 -30.15
CA PHE A 375 13.18 8.18 -30.65
C PHE A 375 13.05 8.85 -32.01
N GLN A 376 12.88 8.05 -33.06
CA GLN A 376 12.63 8.56 -34.41
C GLN A 376 11.34 7.92 -34.90
N PHE A 377 10.29 8.72 -34.99
CA PHE A 377 8.95 8.19 -35.26
C PHE A 377 8.85 7.41 -36.56
N ASP A 378 9.63 7.82 -37.56
CA ASP A 378 9.51 7.21 -38.90
C ASP A 378 10.45 6.03 -39.17
N ARG A 379 11.19 5.61 -38.14
CA ARG A 379 12.17 4.53 -38.25
C ARG A 379 11.66 3.32 -39.06
N PHE A 380 10.35 3.13 -39.07
CA PHE A 380 9.74 2.02 -39.76
C PHE A 380 8.93 2.45 -40.98
N LEU A 381 9.15 3.69 -41.40
CA LEU A 381 8.54 4.25 -42.62
C LEU A 381 9.57 4.53 -43.72
N ASN A 382 9.26 4.05 -44.93
CA ASN A 382 10.01 4.36 -46.14
C ASN A 382 9.69 5.78 -46.61
N ALA A 383 10.39 6.21 -47.65
CA ALA A 383 10.12 7.48 -48.30
C ALA A 383 8.75 7.47 -49.00
N THR A 386 4.73 3.81 -46.71
CA THR A 386 4.94 2.36 -46.80
C THR A 386 5.82 1.86 -45.65
N GLU A 387 5.49 0.69 -45.12
CA GLU A 387 6.23 0.07 -44.01
C GLU A 387 7.64 -0.34 -44.46
N LYS A 388 8.65 0.04 -43.66
CA LYS A 388 10.04 -0.33 -43.90
C LYS A 388 10.31 -1.69 -43.26
N LYS A 389 10.77 -2.64 -44.09
CA LYS A 389 10.91 -4.04 -43.69
C LYS A 389 12.30 -4.61 -43.95
N ASP A 390 13.19 -3.78 -44.50
CA ASP A 390 14.54 -4.22 -44.83
C ASP A 390 15.54 -3.70 -43.79
N PHE A 391 16.15 -4.61 -43.04
CA PHE A 391 17.10 -4.25 -41.98
C PHE A 391 18.29 -5.19 -41.97
N PHE A 392 19.46 -4.68 -41.58
CA PHE A 392 20.71 -5.44 -41.69
C PHE A 392 21.67 -5.27 -40.51
N LYS A 393 22.39 -6.34 -40.20
CA LYS A 393 23.53 -6.27 -39.31
C LYS A 393 24.74 -6.77 -40.08
N ASN A 394 25.72 -5.89 -40.27
CA ASN A 394 26.92 -6.24 -41.03
C ASN A 394 26.59 -6.98 -42.34
N GLY A 395 25.58 -6.51 -43.05
CA GLY A 395 25.19 -7.08 -44.34
C GLY A 395 24.31 -8.30 -44.25
N ALA A 396 23.99 -8.71 -43.03
CA ALA A 396 23.08 -9.84 -42.80
C ALA A 396 21.66 -9.34 -42.61
N ARG A 397 20.72 -9.99 -43.28
CA ARG A 397 19.30 -9.64 -43.15
C ARG A 397 18.83 -9.91 -41.74
N VAL A 398 18.13 -8.95 -41.17
CA VAL A 398 17.47 -9.07 -39.87
C VAL A 398 15.97 -9.22 -40.16
N LYS A 399 15.44 -10.42 -39.95
CA LYS A 399 14.02 -10.68 -40.20
C LYS A 399 13.12 -9.91 -39.23
N TYR A 400 13.51 -9.88 -37.96
CA TYR A 400 12.73 -9.19 -36.96
C TYR A 400 13.54 -8.10 -36.26
N PRO A 401 13.38 -6.85 -36.74
CA PRO A 401 14.09 -5.67 -36.24
C PRO A 401 13.62 -5.20 -34.89
N SER A 402 12.49 -5.74 -34.43
CA SER A 402 11.99 -5.47 -33.09
C SER A 402 11.11 -6.63 -32.70
N VAL A 403 11.18 -7.03 -31.42
CA VAL A 403 10.51 -8.25 -30.97
C VAL A 403 9.78 -8.04 -29.65
N PRO A 404 8.81 -7.10 -29.61
CA PRO A 404 8.11 -6.76 -28.37
C PRO A 404 7.16 -7.86 -27.89
N TRP A 405 6.58 -8.60 -28.84
CA TRP A 405 5.55 -9.59 -28.54
C TRP A 405 6.11 -10.99 -28.31
N GLY A 406 7.43 -11.10 -28.28
CA GLY A 406 8.09 -12.40 -28.26
C GLY A 406 8.26 -12.99 -29.65
N THR A 407 8.41 -14.30 -29.70
CA THR A 407 8.89 -14.98 -30.88
C THR A 407 7.76 -15.52 -31.76
N GLU A 408 8.00 -15.59 -33.07
CA GLU A 408 6.96 -15.93 -34.07
C GLU A 408 6.14 -17.21 -33.75
N ASP A 409 6.77 -18.17 -33.10
CA ASP A 409 6.11 -19.40 -32.66
C ASP A 409 5.19 -19.18 -31.44
N ASN A 410 5.43 -18.11 -30.68
CA ASN A 410 4.76 -17.88 -29.40
C ASN A 410 4.48 -16.40 -29.13
N LEU A 411 3.70 -15.78 -30.01
CA LEU A 411 3.41 -14.37 -29.91
C LEU A 411 2.42 -14.05 -28.77
N CYS A 412 2.66 -12.96 -28.05
CA CYS A 412 1.77 -12.55 -26.96
C CYS A 412 0.33 -12.53 -27.45
N PRO A 413 -0.55 -13.33 -26.83
CA PRO A 413 -1.97 -13.35 -27.23
C PRO A 413 -2.73 -12.06 -26.92
N GLY A 414 -2.25 -11.26 -25.96
CA GLY A 414 -2.90 -9.99 -25.62
C GLY A 414 -2.54 -8.78 -26.50
N ARG A 415 -1.62 -8.97 -27.45
CA ARG A 415 -1.08 -7.86 -28.23
C ARG A 415 -2.12 -7.05 -29.02
N HIS A 416 -3.09 -7.72 -29.65
CA HIS A 416 -4.05 -7.00 -30.49
C HIS A 416 -4.89 -6.09 -29.59
N PHE A 417 -5.29 -6.64 -28.43
CA PHE A 417 -6.06 -5.91 -27.45
C PHE A 417 -5.26 -4.71 -26.91
N ALA A 418 -4.02 -4.98 -26.53
CA ALA A 418 -3.14 -3.95 -26.02
C ALA A 418 -2.95 -2.82 -27.04
N VAL A 419 -2.69 -3.14 -28.30
CA VAL A 419 -2.53 -2.12 -29.34
C VAL A 419 -3.80 -1.30 -29.52
N HIS A 420 -4.95 -1.98 -29.56
CA HIS A 420 -6.25 -1.32 -29.70
C HIS A 420 -6.40 -0.28 -28.59
N ALA A 421 -6.10 -0.72 -27.37
CA ALA A 421 -6.28 0.09 -26.18
C ALA A 421 -5.34 1.30 -26.19
N ILE A 422 -4.06 1.06 -26.47
CA ILE A 422 -3.08 2.15 -26.63
C ILE A 422 -3.56 3.19 -27.67
N LYS A 423 -4.00 2.72 -28.84
CA LYS A 423 -4.54 3.60 -29.88
C LYS A 423 -5.70 4.43 -29.34
N GLU A 424 -6.59 3.77 -28.61
CA GLU A 424 -7.82 4.39 -28.16
C GLU A 424 -7.51 5.51 -27.18
N LEU A 425 -6.61 5.25 -26.24
CA LEU A 425 -6.17 6.30 -25.31
C LEU A 425 -5.48 7.48 -26.00
N VAL A 426 -4.51 7.18 -26.87
CA VAL A 426 -3.77 8.20 -27.61
C VAL A 426 -4.74 9.03 -28.47
N PHE A 427 -5.51 8.36 -29.32
CA PHE A 427 -6.52 9.04 -30.11
C PHE A 427 -7.31 9.99 -29.22
N THR A 428 -7.95 9.44 -28.18
CA THR A 428 -8.83 10.22 -27.32
C THR A 428 -8.15 11.44 -26.73
N ILE A 429 -7.07 11.24 -25.97
CA ILE A 429 -6.34 12.36 -25.37
C ILE A 429 -6.08 13.44 -26.42
N LEU A 430 -5.53 13.05 -27.56
CA LEU A 430 -5.10 14.02 -28.57
C LEU A 430 -6.26 14.79 -29.20
N THR A 431 -7.44 14.20 -29.15
CA THR A 431 -8.62 14.76 -29.79
C THR A 431 -9.49 15.57 -28.82
N ARG A 432 -9.67 15.09 -27.60
CA ARG A 432 -10.60 15.76 -26.70
C ARG A 432 -9.91 16.59 -25.63
N PHE A 433 -8.58 16.53 -25.60
CA PHE A 433 -7.81 17.26 -24.60
C PHE A 433 -6.71 18.12 -25.19
N ASP A 434 -6.37 19.17 -24.45
CA ASP A 434 -5.15 19.90 -24.70
C ASP A 434 -4.24 19.45 -23.59
N VAL A 435 -3.07 18.94 -23.98
CA VAL A 435 -2.11 18.45 -22.99
C VAL A 435 -0.76 19.10 -23.19
N GLU A 436 -0.25 19.68 -22.10
CA GLU A 436 0.99 20.45 -22.10
C GLU A 436 1.92 19.91 -21.03
N LEU A 437 3.21 19.88 -21.36
CA LEU A 437 4.27 19.64 -20.40
C LEU A 437 4.40 20.85 -19.49
N CYS A 438 4.49 20.63 -18.18
CA CYS A 438 4.69 21.71 -17.22
C CYS A 438 6.00 22.45 -17.47
N ASP A 439 7.07 21.68 -17.63
CA ASP A 439 8.35 22.23 -18.04
C ASP A 439 8.51 22.10 -19.57
N LYS A 440 8.45 23.24 -20.24
CA LYS A 440 8.46 23.36 -21.70
C LYS A 440 9.54 22.57 -22.44
N ASN A 441 10.72 22.46 -21.83
CA ASN A 441 11.86 21.84 -22.46
C ASN A 441 12.15 20.43 -22.02
N ALA A 442 11.31 19.90 -21.13
CA ALA A 442 11.46 18.57 -20.57
C ALA A 442 11.62 17.47 -21.63
N THR A 443 12.31 16.41 -21.22
CA THR A 443 12.40 15.17 -21.99
C THR A 443 11.74 14.04 -21.18
N VAL A 444 11.54 12.88 -21.80
CA VAL A 444 10.96 11.75 -21.10
C VAL A 444 11.94 11.29 -20.02
N PRO A 445 11.41 10.89 -18.85
CA PRO A 445 12.29 10.41 -17.77
C PRO A 445 13.20 9.25 -18.20
N LEU A 446 14.27 9.05 -17.47
CA LEU A 446 15.07 7.86 -17.65
C LEU A 446 14.25 6.65 -17.17
N VAL A 447 14.71 5.46 -17.53
CA VAL A 447 14.04 4.22 -17.18
C VAL A 447 14.42 3.76 -15.76
N ASP A 448 13.45 3.24 -15.03
CA ASP A 448 13.75 2.60 -13.76
C ASP A 448 14.33 1.20 -14.06
N PRO A 449 15.67 1.04 -13.93
CA PRO A 449 16.40 -0.16 -14.41
C PRO A 449 15.94 -1.48 -13.76
N SER A 450 15.35 -1.38 -12.59
CA SER A 450 14.64 -2.48 -11.95
C SER A 450 13.62 -3.16 -12.89
N ARG A 451 13.23 -2.48 -13.96
CA ARG A 451 12.13 -2.96 -14.81
C ARG A 451 12.57 -3.85 -15.97
N TYR A 452 13.86 -3.83 -16.28
CA TYR A 452 14.40 -4.58 -17.41
C TYR A 452 14.14 -6.07 -17.22
N GLY A 453 13.48 -6.67 -18.21
CA GLY A 453 13.15 -8.08 -18.16
C GLY A 453 11.67 -8.34 -17.94
N PHE A 454 10.94 -7.33 -17.47
CA PHE A 454 9.57 -7.58 -16.96
C PHE A 454 8.43 -7.16 -17.87
N GLY A 455 8.76 -6.72 -19.08
CA GLY A 455 7.72 -6.25 -20.00
C GLY A 455 8.00 -4.81 -20.33
N ILE A 456 6.95 -4.01 -20.42
CA ILE A 456 7.09 -2.60 -20.73
C ILE A 456 7.79 -1.90 -19.59
N LEU A 457 8.76 -1.08 -19.94
CA LEU A 457 9.57 -0.36 -18.96
C LEU A 457 8.78 0.72 -18.23
N GLN A 458 9.31 1.15 -17.09
CA GLN A 458 8.68 2.17 -16.27
C GLN A 458 9.64 3.29 -15.91
N PRO A 459 9.16 4.54 -15.98
CA PRO A 459 9.98 5.74 -15.78
C PRO A 459 10.54 5.79 -14.37
N ALA A 460 11.74 6.34 -14.20
CA ALA A 460 12.30 6.54 -12.87
C ALA A 460 11.35 7.44 -12.04
N GLY A 461 11.21 8.69 -12.44
CA GLY A 461 10.15 9.54 -11.89
C GLY A 461 9.03 9.61 -12.91
N ASP A 462 8.40 10.78 -13.06
CA ASP A 462 7.29 10.93 -14.01
C ASP A 462 7.54 12.16 -14.88
N LEU A 463 6.70 12.34 -15.90
CA LEU A 463 6.73 13.51 -16.76
C LEU A 463 5.57 14.40 -16.37
N GLU A 464 5.85 15.52 -15.72
CA GLU A 464 4.82 16.44 -15.20
C GLU A 464 4.07 17.12 -16.35
N ILE A 465 2.75 16.88 -16.44
CA ILE A 465 1.90 17.55 -17.44
C ILE A 465 0.69 18.25 -16.83
N ARG A 466 0.04 19.08 -17.64
CA ARG A 466 -1.23 19.74 -17.28
C ARG A 466 -2.17 19.48 -18.45
N TYR A 467 -3.47 19.37 -18.18
CA TYR A 467 -4.43 19.16 -19.27
C TYR A 467 -5.79 19.86 -19.03
N ARG A 468 -6.55 20.04 -20.12
CA ARG A 468 -7.88 20.65 -20.05
C ARG A 468 -8.75 20.10 -21.17
N ILE A 469 -10.06 20.22 -20.99
CA ILE A 469 -11.03 19.97 -22.05
C ILE A 469 -10.67 20.83 -23.26
N ARG A 470 -10.42 20.18 -24.40
CA ARG A 470 -10.03 20.88 -25.62
C ARG A 470 -11.09 21.89 -26.06
N ARG B 12 -14.17 -25.76 28.81
CA ARG B 12 -15.04 -25.64 27.62
C ARG B 12 -16.50 -25.38 28.02
N ARG B 13 -17.06 -24.31 27.45
CA ARG B 13 -18.43 -23.88 27.72
C ARG B 13 -19.25 -23.89 26.43
N THR B 14 -20.56 -23.71 26.55
CA THR B 14 -21.41 -23.57 25.36
C THR B 14 -22.35 -22.37 25.41
N ARG B 15 -22.77 -21.94 24.23
CA ARG B 15 -23.70 -20.85 24.09
C ARG B 15 -24.96 -21.13 24.88
N ARG B 16 -25.45 -20.09 25.56
CA ARG B 16 -26.78 -20.08 26.13
C ARG B 16 -27.71 -19.34 25.17
N ARG B 17 -29.01 -19.45 25.42
CA ARG B 17 -30.02 -18.76 24.61
C ARG B 17 -29.61 -17.32 24.35
N ASN B 18 -29.82 -16.85 23.11
CA ASN B 18 -29.52 -15.48 22.69
C ASN B 18 -28.10 -14.95 22.96
N GLU B 19 -27.16 -15.84 23.24
CA GLU B 19 -25.77 -15.41 23.31
C GLU B 19 -25.26 -15.16 21.88
N PRO B 20 -24.20 -14.32 21.76
CA PRO B 20 -23.57 -14.11 20.48
C PRO B 20 -22.89 -15.40 20.01
N PRO B 21 -22.63 -15.52 18.70
CA PRO B 21 -21.73 -16.54 18.17
C PRO B 21 -20.55 -16.82 19.11
N LEU B 22 -20.28 -18.10 19.38
CA LEU B 22 -19.15 -18.49 20.20
C LEU B 22 -17.99 -18.97 19.34
N ASP B 23 -16.80 -18.42 19.57
CA ASP B 23 -15.64 -18.84 18.79
C ASP B 23 -14.39 -19.04 19.63
N LYS B 24 -14.28 -20.26 20.15
CA LYS B 24 -13.17 -20.66 21.00
C LYS B 24 -11.84 -20.78 20.25
N GLY B 25 -11.89 -21.15 18.97
CA GLY B 25 -10.67 -21.48 18.22
C GLY B 25 -10.19 -22.90 18.49
N MET B 26 -9.29 -23.38 17.63
CA MET B 26 -8.88 -24.80 17.66
C MET B 26 -7.94 -25.22 18.81
N ILE B 27 -7.21 -24.28 19.39
CA ILE B 27 -6.30 -24.54 20.51
C ILE B 27 -6.98 -24.34 21.87
N PRO B 28 -7.12 -25.43 22.67
CA PRO B 28 -7.70 -25.32 24.00
C PRO B 28 -6.97 -24.30 24.89
N TRP B 29 -7.74 -23.59 25.71
CA TRP B 29 -7.26 -22.48 26.55
C TRP B 29 -6.70 -21.25 25.80
N LEU B 30 -5.70 -21.43 24.95
CA LEU B 30 -5.04 -20.27 24.31
C LEU B 30 -5.99 -19.50 23.37
N GLY B 31 -6.93 -20.21 22.77
CA GLY B 31 -7.87 -19.63 21.82
C GLY B 31 -7.14 -18.78 20.80
N HIS B 32 -7.67 -17.58 20.59
CA HIS B 32 -7.14 -16.67 19.58
C HIS B 32 -6.17 -15.65 20.16
N ALA B 33 -5.75 -15.85 21.40
CA ALA B 33 -4.83 -14.93 22.09
C ALA B 33 -3.70 -14.37 21.24
N LEU B 34 -3.02 -15.24 20.48
CA LEU B 34 -1.85 -14.82 19.70
C LEU B 34 -2.22 -13.89 18.55
N GLU B 35 -3.26 -14.27 17.81
CA GLU B 35 -3.72 -13.49 16.66
C GLU B 35 -4.36 -12.16 17.08
N PHE B 36 -5.10 -12.20 18.19
CA PHE B 36 -5.71 -11.02 18.81
C PHE B 36 -4.60 -10.01 19.19
N GLY B 37 -3.55 -10.54 19.82
CA GLY B 37 -2.44 -9.72 20.30
C GLY B 37 -1.53 -9.22 19.20
N LYS B 38 -1.39 -9.98 18.13
CA LYS B 38 -0.51 -9.58 17.02
C LYS B 38 -1.05 -8.34 16.34
N ASP B 39 -2.32 -8.39 15.96
CA ASP B 39 -2.98 -7.32 15.22
C ASP B 39 -4.46 -7.41 15.53
N ALA B 40 -4.87 -6.70 16.58
CA ALA B 40 -6.25 -6.74 17.09
C ALA B 40 -7.26 -6.31 16.05
N ALA B 41 -6.90 -5.30 15.27
CA ALA B 41 -7.75 -4.77 14.21
C ALA B 41 -8.02 -5.85 13.17
N LYS B 42 -6.94 -6.38 12.59
CA LYS B 42 -7.05 -7.43 11.58
C LYS B 42 -7.86 -8.62 12.09
N PHE B 43 -7.64 -8.99 13.34
CA PHE B 43 -8.30 -10.17 13.89
C PHE B 43 -9.79 -9.91 14.12
N LEU B 44 -10.11 -8.77 14.70
CA LEU B 44 -11.52 -8.47 14.99
C LEU B 44 -12.36 -8.25 13.73
N THR B 45 -11.70 -7.77 12.67
CA THR B 45 -12.28 -7.69 11.33
C THR B 45 -12.62 -9.09 10.79
N ARG B 46 -11.66 -10.02 10.88
CA ARG B 46 -11.91 -11.41 10.46
C ARG B 46 -13.08 -11.97 11.23
N MET B 47 -13.16 -11.62 12.51
CA MET B 47 -14.22 -12.14 13.33
C MET B 47 -15.53 -11.47 12.97
N LYS B 48 -15.48 -10.22 12.51
CA LYS B 48 -16.69 -9.52 12.06
C LYS B 48 -17.28 -10.16 10.81
N GLU B 49 -16.43 -10.46 9.83
CA GLU B 49 -16.83 -11.00 8.53
C GLU B 49 -17.45 -12.41 8.68
N LYS B 50 -17.04 -13.10 9.72
CA LYS B 50 -17.41 -14.48 9.93
C LYS B 50 -18.66 -14.58 10.83
N HIS B 51 -18.82 -13.60 11.73
CA HIS B 51 -19.88 -13.68 12.75
C HIS B 51 -20.92 -12.56 12.77
N GLY B 52 -20.54 -11.35 12.33
CA GLY B 52 -21.42 -10.19 12.44
C GLY B 52 -20.98 -9.20 13.51
N ASP B 53 -21.88 -8.29 13.90
CA ASP B 53 -21.52 -7.13 14.77
C ASP B 53 -21.21 -7.44 16.23
N ILE B 54 -21.49 -8.67 16.62
CA ILE B 54 -21.24 -9.13 17.98
C ILE B 54 -20.82 -10.59 17.89
N PHE B 55 -19.85 -10.99 18.71
CA PHE B 55 -19.37 -12.38 18.79
C PHE B 55 -18.56 -12.52 20.06
N THR B 56 -18.41 -13.75 20.52
CA THR B 56 -17.62 -14.02 21.71
C THR B 56 -16.43 -14.89 21.36
N VAL B 57 -15.25 -14.40 21.69
CA VAL B 57 -14.00 -15.02 21.29
C VAL B 57 -13.31 -15.57 22.53
N ARG B 58 -12.42 -16.54 22.32
CA ARG B 58 -11.67 -17.11 23.43
C ARG B 58 -10.19 -16.76 23.33
N ALA B 59 -9.60 -16.41 24.47
CA ALA B 59 -8.19 -16.03 24.49
C ALA B 59 -7.66 -16.18 25.90
N ALA B 60 -6.61 -16.99 26.04
CA ALA B 60 -5.94 -17.20 27.33
C ALA B 60 -6.90 -17.59 28.45
N GLY B 61 -7.81 -18.52 28.14
CA GLY B 61 -8.78 -19.00 29.12
C GLY B 61 -9.99 -18.09 29.34
N LEU B 62 -9.93 -16.87 28.81
CA LEU B 62 -11.02 -15.90 28.98
C LEU B 62 -11.96 -15.85 27.79
N TYR B 63 -13.18 -15.38 28.02
CA TYR B 63 -14.10 -15.12 26.92
C TYR B 63 -14.43 -13.63 26.80
N ILE B 64 -14.32 -13.15 25.58
CA ILE B 64 -14.43 -11.74 25.29
C ILE B 64 -15.53 -11.55 24.25
N THR B 65 -16.62 -10.93 24.67
CA THR B 65 -17.65 -10.51 23.71
C THR B 65 -17.20 -9.17 23.11
N VAL B 66 -17.18 -9.11 21.79
CA VAL B 66 -16.76 -7.94 21.07
C VAL B 66 -17.98 -7.36 20.41
N LEU B 67 -18.20 -6.07 20.59
CA LEU B 67 -19.38 -5.39 20.08
C LEU B 67 -18.96 -4.35 19.06
N LEU B 68 -19.46 -4.49 17.82
CA LEU B 68 -19.02 -3.63 16.73
C LEU B 68 -20.17 -2.89 16.06
N ASP B 69 -21.37 -2.98 16.64
CA ASP B 69 -22.47 -2.14 16.22
C ASP B 69 -22.41 -0.79 16.98
N SER B 70 -21.96 0.24 16.29
CA SER B 70 -21.58 1.51 16.95
C SER B 70 -22.75 2.38 17.40
N ASN B 71 -23.95 2.11 16.92
CA ASN B 71 -25.12 2.81 17.40
C ASN B 71 -25.61 2.28 18.76
N CYS B 72 -24.90 1.28 19.28
CA CYS B 72 -25.23 0.63 20.54
C CYS B 72 -24.22 0.92 21.63
N TYR B 73 -23.06 1.46 21.26
CA TYR B 73 -21.93 1.65 22.21
C TYR B 73 -22.31 2.47 23.44
N ASP B 74 -22.91 3.62 23.19
CA ASP B 74 -23.25 4.56 24.23
C ASP B 74 -24.24 3.97 25.24
N ALA B 75 -25.28 3.29 24.74
CA ALA B 75 -26.32 2.70 25.58
C ALA B 75 -25.80 1.56 26.43
N VAL B 76 -24.98 0.71 25.83
CA VAL B 76 -24.40 -0.46 26.49
C VAL B 76 -23.39 -0.06 27.57
N LEU B 77 -22.50 0.87 27.23
CA LEU B 77 -21.40 1.25 28.12
C LEU B 77 -21.84 2.18 29.24
N SER B 78 -23.07 2.69 29.15
CA SER B 78 -23.61 3.57 30.18
C SER B 78 -24.07 2.80 31.42
N ASP B 79 -24.23 1.49 31.29
CA ASP B 79 -24.60 0.64 32.43
C ASP B 79 -23.35 0.21 33.21
N VAL B 80 -22.97 1.06 34.16
CA VAL B 80 -21.77 0.84 35.00
C VAL B 80 -22.01 -0.17 36.13
N ALA B 81 -23.27 -0.45 36.42
CA ALA B 81 -23.65 -1.50 37.37
C ALA B 81 -23.34 -2.90 36.84
N SER B 82 -23.29 -3.04 35.52
CA SER B 82 -23.08 -4.36 34.90
C SER B 82 -21.73 -4.42 34.18
N LEU B 83 -21.15 -3.26 33.90
CA LEU B 83 -19.84 -3.21 33.29
C LEU B 83 -18.87 -2.46 34.18
N ASP B 84 -17.65 -2.97 34.28
CA ASP B 84 -16.73 -2.47 35.27
C ASP B 84 -15.35 -2.27 34.65
N GLN B 85 -14.81 -1.07 34.87
CA GLN B 85 -13.55 -0.64 34.28
C GLN B 85 -12.37 -0.90 35.23
N THR B 86 -12.65 -0.83 36.53
CA THR B 86 -11.64 -0.80 37.60
C THR B 86 -10.80 -2.06 37.69
N SER B 87 -11.44 -3.22 37.70
CA SER B 87 -10.74 -4.49 37.91
C SER B 87 -9.67 -4.73 36.85
N TYR B 88 -10.02 -4.51 35.57
CA TYR B 88 -9.05 -4.65 34.49
C TYR B 88 -7.97 -3.55 34.53
N ALA B 89 -8.35 -2.30 34.79
CA ALA B 89 -7.36 -1.22 34.97
C ALA B 89 -6.33 -1.55 36.06
N GLN B 90 -6.82 -2.16 37.14
CA GLN B 90 -6.01 -2.57 38.28
C GLN B 90 -4.94 -3.56 37.86
N VAL B 91 -5.33 -4.51 37.01
CA VAL B 91 -4.42 -5.53 36.48
C VAL B 91 -3.42 -4.89 35.53
N LEU B 92 -3.89 -3.96 34.70
CA LEU B 92 -3.04 -3.29 33.73
C LEU B 92 -1.92 -2.46 34.38
N MET B 93 -2.23 -1.72 35.43
CA MET B 93 -1.18 -0.90 36.06
C MET B 93 -0.15 -1.71 36.87
N LYS B 94 -0.56 -2.88 37.38
CA LYS B 94 0.39 -3.83 37.96
C LYS B 94 1.41 -4.29 36.91
N ARG B 95 0.93 -4.84 35.80
CA ARG B 95 1.80 -5.37 34.75
C ARG B 95 2.72 -4.30 34.15
N ILE B 96 2.13 -3.16 33.80
CA ILE B 96 2.85 -2.12 33.05
C ILE B 96 3.61 -1.12 33.95
N PHE B 97 2.94 -0.63 34.99
CA PHE B 97 3.49 0.43 35.84
C PHE B 97 3.96 -0.07 37.21
N ASN B 98 3.80 -1.36 37.48
CA ASN B 98 4.30 -1.99 38.70
C ASN B 98 3.64 -1.42 39.96
N MET B 99 2.34 -1.16 39.86
CA MET B 99 1.64 -0.32 40.84
C MET B 99 0.50 -1.00 41.58
N ILE B 100 0.31 -0.61 42.83
CA ILE B 100 -0.87 -0.96 43.61
C ILE B 100 -1.45 0.35 44.16
N LEU B 101 -2.77 0.45 44.26
CA LEU B 101 -3.38 1.62 44.91
C LEU B 101 -4.52 1.25 45.86
N PRO B 102 -4.15 0.69 47.04
CA PRO B 102 -5.15 0.15 47.97
C PRO B 102 -6.17 1.19 48.38
N SER B 103 -7.45 0.85 48.23
CA SER B 103 -8.59 1.70 48.65
C SER B 103 -8.68 3.05 47.93
N HIS B 104 -7.92 3.20 46.85
CA HIS B 104 -7.98 4.38 45.99
C HIS B 104 -9.41 4.58 45.50
N ASN B 105 -9.86 5.83 45.48
CA ASN B 105 -11.16 6.15 44.90
C ASN B 105 -11.00 6.79 43.52
N PRO B 106 -11.37 6.06 42.45
CA PRO B 106 -11.25 6.58 41.09
C PRO B 106 -12.24 7.72 40.82
N GLU B 107 -13.38 7.67 41.51
CA GLU B 107 -14.44 8.64 41.31
C GLU B 107 -13.99 10.08 41.54
N SER B 108 -13.38 10.33 42.70
CA SER B 108 -12.88 11.65 43.05
C SER B 108 -11.88 12.16 42.02
N GLU B 109 -10.93 11.29 41.64
CA GLU B 109 -9.87 11.67 40.72
C GLU B 109 -10.39 12.00 39.32
N LYS B 110 -11.30 11.18 38.79
CA LYS B 110 -11.80 11.39 37.42
C LYS B 110 -12.48 12.75 37.28
N LYS B 111 -13.20 13.15 38.33
CA LYS B 111 -13.95 14.40 38.36
C LYS B 111 -13.02 15.60 38.43
N ARG B 112 -11.94 15.49 39.20
CA ARG B 112 -10.93 16.54 39.28
C ARG B 112 -10.22 16.70 37.93
N ALA B 113 -9.88 15.56 37.32
CA ALA B 113 -9.27 15.53 36.00
C ALA B 113 -10.17 16.25 34.99
N GLU B 114 -11.47 16.01 35.08
CA GLU B 114 -12.43 16.62 34.17
C GLU B 114 -12.45 18.12 34.35
N MET B 115 -12.44 18.57 35.60
CA MET B 115 -12.51 20.00 35.89
C MET B 115 -11.19 20.74 35.65
N HIS B 116 -10.06 20.07 35.84
CA HIS B 116 -8.76 20.70 35.62
C HIS B 116 -8.47 20.87 34.12
N PHE B 117 -9.04 20.00 33.30
CA PHE B 117 -8.76 20.04 31.88
C PHE B 117 -9.89 20.64 31.02
N GLN B 118 -10.70 21.49 31.65
CA GLN B 118 -11.66 22.32 30.92
C GLN B 118 -11.75 23.72 31.52
N GLY B 119 -12.60 24.56 30.92
CA GLY B 119 -12.93 25.87 31.48
C GLY B 119 -11.76 26.83 31.53
N ALA B 120 -11.67 27.60 32.61
CA ALA B 120 -10.57 28.54 32.82
C ALA B 120 -9.24 27.84 33.03
N SER B 121 -9.22 26.74 33.79
CA SER B 121 -8.00 25.94 33.99
C SER B 121 -7.41 25.52 32.65
N LEU B 122 -8.26 24.98 31.77
CA LEU B 122 -7.79 24.60 30.44
C LEU B 122 -7.06 25.77 29.79
N THR B 123 -7.71 26.93 29.75
CA THR B 123 -7.15 28.17 29.19
C THR B 123 -5.76 28.44 29.78
N GLN B 124 -5.65 28.36 31.11
CA GLN B 124 -4.38 28.55 31.80
C GLN B 124 -3.36 27.52 31.31
N LEU B 125 -3.71 26.24 31.44
CA LEU B 125 -2.88 25.14 30.97
C LEU B 125 -2.47 25.32 29.51
N SER B 126 -3.42 25.74 28.68
CA SER B 126 -3.17 25.94 27.26
C SER B 126 -2.20 27.08 26.96
N ASN B 127 -2.21 28.10 27.82
CA ASN B 127 -1.25 29.19 27.71
C ASN B 127 0.18 28.75 28.02
N SER B 128 0.37 28.06 29.14
CA SER B 128 1.65 27.47 29.52
C SER B 128 2.18 26.58 28.40
N MET B 129 1.32 25.67 27.95
CA MET B 129 1.60 24.79 26.81
C MET B 129 2.09 25.54 25.55
N GLN B 130 1.41 26.62 25.17
CA GLN B 130 1.87 27.45 24.04
C GLN B 130 3.25 28.07 24.30
N ASN B 131 3.39 28.72 25.45
CA ASN B 131 4.64 29.32 25.88
C ASN B 131 5.80 28.31 25.95
N ASN B 132 5.52 27.11 26.44
CA ASN B 132 6.56 26.08 26.58
C ASN B 132 7.01 25.47 25.27
N LEU B 133 6.09 25.37 24.32
CA LEU B 133 6.37 24.86 22.98
C LEU B 133 7.29 25.80 22.20
N ARG B 134 6.99 27.09 22.22
CA ARG B 134 7.85 28.11 21.58
C ARG B 134 9.23 28.16 22.24
N LEU B 135 9.24 28.13 23.58
CA LEU B 135 10.47 28.00 24.37
C LEU B 135 11.29 26.78 23.93
N LEU B 136 10.60 25.69 23.62
CA LEU B 136 11.26 24.46 23.17
C LEU B 136 11.56 24.45 21.67
N MET B 137 10.99 25.39 20.93
CA MET B 137 11.27 25.53 19.50
C MET B 137 12.12 26.78 19.20
N THR B 138 13.06 27.07 20.11
CA THR B 138 14.08 28.10 19.93
C THR B 138 15.24 27.50 19.13
N PRO B 139 15.78 28.26 18.14
CA PRO B 139 16.94 27.84 17.35
C PRO B 139 18.06 27.17 18.16
N SER B 140 18.38 27.71 19.34
CA SER B 140 19.45 27.16 20.18
C SER B 140 19.08 25.82 20.81
N GLU B 141 17.82 25.68 21.22
CA GLU B 141 17.28 24.42 21.75
C GLU B 141 17.18 23.37 20.63
N MET B 142 16.66 23.80 19.48
CA MET B 142 16.63 22.98 18.27
C MET B 142 17.99 23.00 17.59
N TRP B 149 19.17 23.12 6.79
CA TRP B 149 18.43 21.86 6.84
C TRP B 149 19.00 20.95 7.93
N LYS B 150 18.12 20.17 8.56
CA LYS B 150 18.48 19.30 9.69
C LYS B 150 17.82 17.93 9.55
N LYS B 151 18.51 16.88 10.01
CA LYS B 151 18.03 15.50 9.84
C LYS B 151 17.26 14.99 11.07
N ASP B 152 16.02 14.56 10.85
CA ASP B 152 15.18 14.01 11.90
C ASP B 152 14.02 13.17 11.38
N GLY B 153 13.53 12.27 12.21
CA GLY B 153 12.28 11.56 11.94
C GLY B 153 11.11 12.35 12.48
N LEU B 154 10.07 12.51 11.65
CA LEU B 154 8.88 13.28 12.04
C LEU B 154 8.24 12.82 13.37
N PHE B 155 8.09 11.50 13.53
CA PHE B 155 7.53 10.92 14.74
C PHE B 155 8.38 11.28 15.95
N ASN B 156 9.68 11.02 15.83
CA ASN B 156 10.67 11.39 16.83
C ASN B 156 10.56 12.86 17.22
N LEU B 157 10.43 13.74 16.21
CA LEU B 157 10.36 15.17 16.45
C LEU B 157 9.06 15.58 17.14
N CYS B 158 7.93 15.20 16.55
CA CYS B 158 6.61 15.51 17.10
C CYS B 158 6.46 15.01 18.54
N TYR B 159 6.61 13.70 18.73
CA TYR B 159 6.50 13.09 20.07
C TYR B 159 7.45 13.79 21.03
N SER B 160 8.64 14.14 20.54
CA SER B 160 9.66 14.80 21.36
C SER B 160 9.20 16.15 21.90
N LEU B 161 8.79 17.02 20.98
CA LEU B 161 8.31 18.36 21.29
C LEU B 161 7.02 18.38 22.13
N LEU B 162 5.98 17.66 21.69
CA LEU B 162 4.72 17.62 22.43
C LEU B 162 4.83 16.96 23.80
N PHE B 163 5.69 15.95 23.91
CA PHE B 163 6.00 15.32 25.20
C PHE B 163 6.57 16.31 26.21
N LYS B 164 7.61 17.03 25.80
CA LYS B 164 8.30 17.94 26.72
C LYS B 164 7.37 19.09 27.12
N THR B 165 6.70 19.66 26.12
CA THR B 165 5.73 20.74 26.36
C THR B 165 4.72 20.28 27.42
N GLY B 166 4.11 19.12 27.17
CA GLY B 166 3.16 18.52 28.08
C GLY B 166 3.75 18.26 29.44
N TYR B 167 4.95 17.68 29.47
CA TYR B 167 5.61 17.36 30.72
C TYR B 167 5.78 18.61 31.58
N LEU B 168 6.45 19.62 31.06
CA LEU B 168 6.68 20.87 31.79
C LEU B 168 5.37 21.56 32.20
N THR B 169 4.37 21.49 31.34
CA THR B 169 3.07 22.10 31.63
C THR B 169 2.37 21.39 32.78
N VAL B 170 2.25 20.06 32.69
CA VAL B 170 1.53 19.27 33.67
C VAL B 170 2.37 19.01 34.93
N PHE B 171 3.66 18.77 34.74
CA PHE B 171 4.57 18.48 35.86
C PHE B 171 5.40 19.70 36.26
N THR B 182 15.07 16.00 28.27
CA THR B 182 15.96 15.58 27.18
C THR B 182 16.26 14.08 27.27
N GLN B 183 16.77 13.67 28.43
CA GLN B 183 17.05 12.26 28.72
C GLN B 183 15.79 11.58 29.23
N ILE B 184 14.89 12.38 29.79
CA ILE B 184 13.61 11.91 30.33
C ILE B 184 12.69 11.39 29.20
N TYR B 185 12.77 12.04 28.04
CA TYR B 185 12.04 11.60 26.84
C TYR B 185 12.56 10.26 26.32
N GLU B 186 13.87 10.17 26.09
CA GLU B 186 14.49 8.97 25.52
C GLU B 186 14.26 7.75 26.40
N GLU B 187 14.01 8.00 27.68
CA GLU B 187 13.66 6.97 28.62
C GLU B 187 12.18 6.59 28.48
N PHE B 188 11.34 7.60 28.30
CA PHE B 188 9.90 7.38 28.11
C PHE B 188 9.65 6.64 26.81
N ARG B 189 10.48 6.90 25.81
CA ARG B 189 10.38 6.17 24.54
C ARG B 189 10.88 4.73 24.68
N ARG B 190 11.72 4.50 25.68
CA ARG B 190 12.22 3.16 25.98
C ARG B 190 11.15 2.36 26.73
N PHE B 191 10.36 3.06 27.56
CA PHE B 191 9.26 2.47 28.33
C PHE B 191 7.98 2.31 27.48
N ASP B 192 7.68 3.33 26.69
CA ASP B 192 6.46 3.39 25.89
C ASP B 192 6.43 2.37 24.73
N LYS B 193 7.59 2.13 24.12
CA LYS B 193 7.70 1.16 23.03
C LYS B 193 7.44 -0.26 23.51
N LEU B 194 7.60 -0.47 24.81
CA LEU B 194 7.41 -1.78 25.43
C LEU B 194 6.10 -1.89 26.20
N LEU B 195 5.32 -0.81 26.26
CA LEU B 195 4.06 -0.81 27.01
C LEU B 195 3.09 -1.92 26.57
N PRO B 196 2.92 -2.09 25.25
CA PRO B 196 2.03 -3.18 24.81
C PRO B 196 2.51 -4.56 25.28
N LYS B 197 3.78 -4.89 25.05
CA LYS B 197 4.33 -6.19 25.45
C LYS B 197 4.18 -6.47 26.94
N LEU B 198 4.30 -5.41 27.76
CA LEU B 198 4.05 -5.49 29.20
C LEU B 198 2.58 -5.78 29.56
N ALA B 199 1.65 -5.26 28.76
CA ALA B 199 0.23 -5.51 29.02
C ALA B 199 -0.17 -6.94 28.69
N ARG B 200 0.52 -7.51 27.68
CA ARG B 200 0.28 -8.88 27.23
C ARG B 200 1.20 -9.91 27.88
N THR B 201 2.26 -9.44 28.53
CA THR B 201 3.29 -10.32 29.14
C THR B 201 4.11 -11.08 28.08
N GLU B 207 14.23 -7.13 27.41
CA GLU B 207 12.95 -6.42 27.39
C GLU B 207 12.45 -6.11 28.80
N LYS B 208 12.49 -7.11 29.68
CA LYS B 208 12.00 -6.95 31.05
C LYS B 208 12.95 -6.09 31.89
N GLN B 209 14.24 -6.21 31.62
CA GLN B 209 15.26 -5.38 32.27
C GLN B 209 15.28 -3.95 31.69
N ILE B 210 15.17 -3.86 30.37
CA ILE B 210 15.10 -2.57 29.69
C ILE B 210 13.94 -1.73 30.23
N ALA B 211 12.81 -2.39 30.48
CA ALA B 211 11.62 -1.76 31.06
C ALA B 211 11.83 -1.41 32.53
N SER B 212 12.50 -2.31 33.26
CA SER B 212 12.85 -2.04 34.67
C SER B 212 13.79 -0.86 34.80
N ALA B 213 14.80 -0.81 33.93
CA ALA B 213 15.77 0.29 33.92
C ALA B 213 15.11 1.61 33.58
N ALA B 214 14.10 1.56 32.70
CA ALA B 214 13.32 2.75 32.32
C ALA B 214 12.44 3.22 33.47
N ARG B 215 11.68 2.29 34.06
CA ARG B 215 10.77 2.58 35.16
C ARG B 215 11.48 3.18 36.37
N GLU B 216 12.59 2.55 36.79
CA GLU B 216 13.34 3.00 37.95
C GLU B 216 13.91 4.40 37.77
N LYS B 217 14.43 4.67 36.57
CA LYS B 217 15.04 5.95 36.24
C LYS B 217 14.00 7.06 36.17
N LEU B 218 12.83 6.74 35.60
CA LEU B 218 11.72 7.67 35.49
C LEU B 218 11.06 7.96 36.84
N TRP B 219 10.94 6.93 37.69
CA TRP B 219 10.37 7.09 39.03
C TRP B 219 11.16 8.11 39.85
N LYS B 220 12.48 8.06 39.75
CA LYS B 220 13.38 8.97 40.47
C LYS B 220 13.25 10.40 39.97
N TRP B 221 13.21 10.56 38.65
CA TRP B 221 13.15 11.88 38.01
C TRP B 221 11.90 12.71 38.30
N LEU B 222 10.77 12.03 38.47
CA LEU B 222 9.48 12.71 38.53
C LEU B 222 9.16 13.31 39.90
N THR B 223 9.95 12.93 40.91
CA THR B 223 9.85 13.52 42.24
C THR B 223 11.23 14.00 42.71
N SER B 235 -2.25 23.04 41.94
CA SER B 235 -2.18 22.30 40.67
C SER B 235 -3.02 21.01 40.70
N TRP B 236 -3.19 20.41 39.52
CA TRP B 236 -3.86 19.12 39.36
C TRP B 236 -3.01 17.98 39.93
N LEU B 237 -1.83 17.79 39.36
CA LEU B 237 -0.88 16.78 39.82
C LEU B 237 -0.70 16.80 41.35
N GLY B 238 -0.64 18.00 41.93
CA GLY B 238 -0.46 18.17 43.37
C GLY B 238 -1.65 17.75 44.21
N SER B 239 -2.85 17.90 43.66
CA SER B 239 -4.06 17.45 44.34
C SER B 239 -4.27 15.93 44.17
N TYR B 240 -3.66 15.36 43.12
CA TYR B 240 -3.62 13.92 42.90
C TYR B 240 -2.77 13.23 43.99
N VAL B 241 -1.55 13.72 44.18
CA VAL B 241 -0.68 13.26 45.26
C VAL B 241 -1.38 13.42 46.61
N LYS B 242 -1.98 14.59 46.83
CA LYS B 242 -2.65 14.92 48.09
C LYS B 242 -3.72 13.90 48.50
N GLN B 243 -4.44 13.36 47.51
CA GLN B 243 -5.42 12.30 47.76
C GLN B 243 -4.73 10.99 48.15
N LEU B 244 -3.62 10.69 47.49
CA LEU B 244 -2.89 9.45 47.74
C LEU B 244 -2.29 9.39 49.15
N GLN B 245 -1.70 10.49 49.60
CA GLN B 245 -1.22 10.62 50.97
C GLN B 245 -2.39 10.66 51.95
N ASP B 246 -3.53 11.15 51.46
CA ASP B 246 -4.74 11.24 52.27
C ASP B 246 -5.37 9.87 52.47
N GLU B 247 -5.10 8.95 51.54
CA GLU B 247 -5.77 7.64 51.53
C GLU B 247 -4.93 6.52 52.15
N GLY B 248 -3.62 6.74 52.21
CA GLY B 248 -2.69 5.81 52.88
C GLY B 248 -1.64 5.17 52.00
N ILE B 249 -1.56 5.60 50.74
CA ILE B 249 -0.59 5.04 49.81
C ILE B 249 0.80 5.56 50.16
N ASP B 250 1.77 4.66 50.29
CA ASP B 250 3.11 5.05 50.73
C ASP B 250 3.88 5.83 49.67
N ALA B 251 4.96 6.48 50.09
CA ALA B 251 5.80 7.31 49.22
C ALA B 251 6.28 6.57 47.97
N GLU B 252 6.38 5.25 48.05
CA GLU B 252 6.90 4.45 46.96
C GLU B 252 5.96 4.41 45.76
N MET B 253 4.70 4.07 46.00
CA MET B 253 3.69 4.07 44.95
C MET B 253 3.33 5.47 44.44
N GLN B 254 3.44 6.46 45.32
CA GLN B 254 3.24 7.87 44.94
C GLN B 254 4.28 8.28 43.92
N ARG B 255 5.52 7.83 44.14
CA ARG B 255 6.62 8.01 43.21
C ARG B 255 6.27 7.31 41.90
N ARG B 256 5.71 6.10 42.01
CA ARG B 256 5.33 5.28 40.86
C ARG B 256 4.14 5.86 40.10
N ALA B 257 3.18 6.39 40.85
CA ALA B 257 2.00 7.04 40.31
C ALA B 257 2.36 8.11 39.28
N MET B 258 3.49 8.79 39.49
CA MET B 258 3.96 9.82 38.58
C MET B 258 4.12 9.30 37.15
N LEU B 259 4.73 8.13 37.00
CA LEU B 259 4.93 7.52 35.69
C LEU B 259 3.60 7.20 35.00
N LEU B 260 2.62 6.79 35.81
CA LEU B 260 1.27 6.50 35.30
C LEU B 260 0.68 7.75 34.64
N GLN B 261 0.67 8.85 35.39
CA GLN B 261 0.15 10.13 34.90
C GLN B 261 0.92 10.63 33.70
N LEU B 262 2.22 10.37 33.74
CA LEU B 262 3.08 10.71 32.61
C LEU B 262 2.57 10.03 31.35
N TRP B 263 2.31 8.72 31.43
CA TRP B 263 1.82 8.00 30.25
C TRP B 263 0.40 8.41 29.86
N VAL B 264 -0.49 8.51 30.86
CA VAL B 264 -1.86 8.97 30.63
C VAL B 264 -1.90 10.32 29.93
N THR B 265 -0.99 11.23 30.31
CA THR B 265 -1.04 12.59 29.76
C THR B 265 -0.20 12.80 28.50
N GLN B 266 0.79 11.95 28.24
CA GLN B 266 1.77 12.22 27.15
C GLN B 266 1.87 11.18 26.03
N GLY B 267 1.28 10.01 26.23
CA GLY B 267 1.42 8.89 25.29
C GLY B 267 0.58 8.94 24.04
N ASN B 268 -0.17 10.03 23.84
CA ASN B 268 -1.05 10.11 22.68
C ASN B 268 -0.90 11.33 21.77
N ALA B 269 -0.60 12.51 22.34
CA ALA B 269 -0.72 13.77 21.59
C ALA B 269 0.31 13.94 20.47
N GLY B 270 1.58 13.71 20.82
CA GLY B 270 2.67 13.75 19.83
C GLY B 270 2.42 12.77 18.70
N PRO B 271 2.26 11.47 19.02
CA PRO B 271 1.87 10.51 18.00
C PRO B 271 0.72 11.01 17.11
N ALA B 272 -0.35 11.57 17.72
CA ALA B 272 -1.43 12.15 16.92
C ALA B 272 -0.94 13.30 16.01
N ALA B 273 -0.20 14.24 16.58
CA ALA B 273 0.37 15.35 15.81
C ALA B 273 1.22 14.85 14.64
N PHE B 274 2.08 13.86 14.93
CA PHE B 274 2.87 13.21 13.91
C PHE B 274 2.05 12.85 12.68
N TRP B 275 0.97 12.09 12.88
CA TRP B 275 0.10 11.65 11.79
C TRP B 275 -0.57 12.79 11.03
N VAL B 276 -0.94 13.86 11.72
CA VAL B 276 -1.51 15.02 11.02
C VAL B 276 -0.48 15.51 10.01
N MET B 277 0.77 15.64 10.45
CA MET B 277 1.87 16.10 9.59
C MET B 277 2.17 15.16 8.42
N GLY B 278 2.36 13.88 8.74
CA GLY B 278 2.67 12.86 7.74
C GLY B 278 1.65 12.84 6.62
N TYR B 279 0.38 12.87 6.99
CA TYR B 279 -0.72 12.86 6.03
C TYR B 279 -0.72 14.12 5.19
N LEU B 280 -0.42 15.25 5.82
CA LEU B 280 -0.38 16.53 5.13
C LEU B 280 0.74 16.54 4.09
N LEU B 281 1.91 16.06 4.49
CA LEU B 281 3.09 16.07 3.64
C LEU B 281 3.06 15.08 2.47
N THR B 282 2.03 14.25 2.41
CA THR B 282 1.89 13.27 1.34
C THR B 282 0.61 13.55 0.56
N HIS B 283 -0.13 14.55 1.03
CA HIS B 283 -1.36 14.96 0.37
C HIS B 283 -1.25 16.46 0.16
N PRO B 284 -0.64 16.86 -0.97
CA PRO B 284 -0.40 18.28 -1.25
C PRO B 284 -1.72 19.05 -1.39
N GLU B 285 -2.71 18.41 -2.01
CA GLU B 285 -4.06 18.97 -2.12
C GLU B 285 -4.62 19.36 -0.76
N ALA B 286 -4.50 18.44 0.20
CA ALA B 286 -4.84 18.70 1.61
C ALA B 286 -3.99 19.79 2.23
N LEU B 287 -2.68 19.76 1.98
CA LEU B 287 -1.74 20.74 2.52
C LEU B 287 -2.04 22.17 2.04
N ARG B 288 -2.35 22.31 0.75
CA ARG B 288 -2.69 23.60 0.17
C ARG B 288 -3.94 24.18 0.84
N ALA B 289 -4.96 23.34 1.01
CA ALA B 289 -6.18 23.73 1.71
C ALA B 289 -5.86 24.32 3.09
N VAL B 290 -5.03 23.61 3.84
CA VAL B 290 -4.61 24.06 5.18
C VAL B 290 -3.87 25.39 5.16
N ARG B 291 -2.81 25.48 4.36
CA ARG B 291 -1.99 26.69 4.26
C ARG B 291 -2.83 27.88 3.83
N GLU B 292 -3.70 27.67 2.85
CA GLU B 292 -4.55 28.72 2.29
C GLU B 292 -5.54 29.24 3.32
N GLU B 293 -5.97 28.37 4.23
CA GLU B 293 -6.94 28.72 5.27
C GLU B 293 -6.43 29.75 6.27
N ILE B 294 -5.13 29.72 6.54
CA ILE B 294 -4.51 30.52 7.61
C ILE B 294 -4.56 32.05 7.39
N GLN B 295 -4.21 32.51 6.18
CA GLN B 295 -4.20 33.93 5.84
C GLN B 295 -5.37 34.73 6.43
N ASN B 308 -11.27 29.95 14.80
CA ASN B 308 -12.11 29.05 14.01
C ASN B 308 -11.38 28.57 12.75
N THR B 309 -11.23 27.25 12.62
CA THR B 309 -10.47 26.61 11.53
C THR B 309 -11.15 25.36 10.99
N PRO B 310 -12.24 25.53 10.23
CA PRO B 310 -13.01 24.42 9.66
C PRO B 310 -12.13 23.35 9.02
N VAL B 311 -11.33 23.74 8.03
CA VAL B 311 -10.52 22.82 7.23
C VAL B 311 -9.60 21.93 8.07
N PHE B 312 -8.83 22.56 8.97
CA PHE B 312 -7.96 21.80 9.84
C PHE B 312 -8.72 20.89 10.83
N ASP B 313 -9.85 21.36 11.33
CA ASP B 313 -10.68 20.53 12.20
C ASP B 313 -11.03 19.20 11.50
N SER B 314 -11.39 19.30 10.22
CA SER B 314 -11.72 18.13 9.40
C SER B 314 -10.49 17.24 9.15
N VAL B 315 -9.34 17.87 8.93
CA VAL B 315 -8.06 17.16 8.79
C VAL B 315 -7.70 16.42 10.10
N LEU B 316 -7.81 17.11 11.24
CA LEU B 316 -7.56 16.46 12.53
C LEU B 316 -8.56 15.33 12.83
N TRP B 317 -9.84 15.55 12.52
CA TRP B 317 -10.85 14.53 12.72
C TRP B 317 -10.58 13.28 11.85
N GLU B 318 -10.17 13.53 10.61
CA GLU B 318 -9.82 12.46 9.66
C GLU B 318 -8.62 11.66 10.14
N THR B 319 -7.64 12.37 10.68
CA THR B 319 -6.43 11.76 11.22
C THR B 319 -6.77 10.85 12.40
N LEU B 320 -7.73 11.29 13.21
CA LEU B 320 -8.13 10.52 14.39
C LEU B 320 -8.96 9.33 13.98
N ARG B 321 -9.74 9.46 12.91
CA ARG B 321 -10.50 8.34 12.34
C ARG B 321 -9.56 7.19 11.93
N LEU B 322 -8.38 7.56 11.45
CA LEU B 322 -7.42 6.61 10.92
C LEU B 322 -6.47 6.05 11.99
N THR B 323 -6.28 6.79 13.09
CA THR B 323 -5.24 6.44 14.05
C THR B 323 -5.66 6.33 15.53
N ALA B 324 -6.89 6.71 15.87
CA ALA B 324 -7.34 6.56 17.26
C ALA B 324 -7.91 5.16 17.44
N ALA B 325 -7.17 4.30 18.15
CA ALA B 325 -7.53 2.88 18.21
C ALA B 325 -7.56 2.31 19.62
N ALA B 326 -8.27 2.97 20.53
CA ALA B 326 -8.50 2.47 21.89
C ALA B 326 -9.47 1.31 21.83
N LEU B 327 -9.12 0.21 22.48
CA LEU B 327 -10.02 -0.90 22.63
C LEU B 327 -10.68 -0.74 23.99
N ILE B 328 -11.89 -0.17 23.99
CA ILE B 328 -12.62 0.10 25.22
C ILE B 328 -13.06 -1.24 25.77
N THR B 329 -12.62 -1.53 26.99
CA THR B 329 -12.76 -2.85 27.61
C THR B 329 -13.37 -2.75 29.02
N ARG B 330 -14.35 -3.60 29.28
CA ARG B 330 -14.99 -3.68 30.59
C ARG B 330 -15.21 -5.13 30.99
N ASP B 331 -15.11 -5.43 32.27
CA ASP B 331 -15.57 -6.72 32.79
C ASP B 331 -17.08 -6.73 32.96
N VAL B 332 -17.70 -7.80 32.50
CA VAL B 332 -19.14 -7.99 32.67
C VAL B 332 -19.36 -8.54 34.06
N THR B 333 -19.92 -7.72 34.95
CA THR B 333 -20.16 -8.13 36.34
C THR B 333 -21.49 -8.86 36.55
N GLN B 334 -22.43 -8.67 35.65
CA GLN B 334 -23.71 -9.41 35.72
C GLN B 334 -24.36 -9.59 34.36
N ASP B 335 -25.14 -10.66 34.21
CA ASP B 335 -25.82 -10.93 32.95
C ASP B 335 -26.56 -9.67 32.51
N LYS B 336 -26.50 -9.35 31.21
CA LYS B 336 -27.09 -8.12 30.68
C LYS B 336 -27.73 -8.34 29.30
N LYS B 337 -28.96 -7.85 29.13
CA LYS B 337 -29.65 -7.92 27.84
C LYS B 337 -29.31 -6.72 26.94
N ILE B 338 -28.89 -7.04 25.72
CA ILE B 338 -28.45 -6.07 24.74
C ILE B 338 -29.32 -6.19 23.48
N CYS B 339 -29.53 -5.09 22.78
CA CYS B 339 -30.33 -5.08 21.58
C CYS B 339 -29.61 -4.30 20.48
N LEU B 340 -29.29 -4.95 19.36
CA LEU B 340 -28.54 -4.26 18.31
C LEU B 340 -29.46 -3.47 17.41
N SER B 341 -28.89 -2.75 16.46
CA SER B 341 -29.65 -1.84 15.61
C SER B 341 -30.79 -2.52 14.84
N ASN B 342 -30.65 -3.83 14.59
CA ASN B 342 -31.65 -4.54 13.83
C ASN B 342 -32.79 -5.07 14.71
N GLY B 343 -32.68 -4.83 16.01
CA GLY B 343 -33.73 -5.24 16.94
C GLY B 343 -33.49 -6.57 17.64
N GLN B 344 -32.43 -7.28 17.25
CA GLN B 344 -32.17 -8.59 17.85
C GLN B 344 -31.51 -8.45 19.21
N GLU B 345 -32.04 -9.17 20.18
CA GLU B 345 -31.49 -9.18 21.51
C GLU B 345 -30.34 -10.17 21.65
N TYR B 346 -29.32 -9.73 22.38
CA TYR B 346 -28.19 -10.59 22.72
C TYR B 346 -27.94 -10.51 24.21
N HIS B 347 -27.41 -11.60 24.77
CA HIS B 347 -27.17 -11.73 26.20
C HIS B 347 -25.67 -11.71 26.48
N LEU B 348 -25.24 -10.78 27.33
CA LEU B 348 -23.85 -10.75 27.80
C LEU B 348 -23.76 -11.56 29.07
N ARG B 349 -22.73 -12.38 29.20
CA ARG B 349 -22.64 -13.28 30.35
C ARG B 349 -21.63 -12.80 31.39
N ARG B 350 -22.11 -12.67 32.61
CA ARG B 350 -21.28 -12.41 33.79
C ARG B 350 -19.96 -13.17 33.76
N GLY B 351 -18.87 -12.47 34.07
CA GLY B 351 -17.56 -13.10 34.10
C GLY B 351 -16.79 -13.01 32.80
N ASP B 352 -17.47 -12.59 31.73
CA ASP B 352 -16.82 -12.33 30.45
C ASP B 352 -16.28 -10.90 30.45
N ARG B 353 -15.33 -10.61 29.55
CA ARG B 353 -15.00 -9.23 29.24
C ARG B 353 -15.86 -8.76 28.08
N LEU B 354 -16.01 -7.45 27.96
CA LEU B 354 -16.67 -6.84 26.82
C LEU B 354 -15.75 -5.83 26.18
N CYS B 355 -15.68 -5.88 24.86
CA CYS B 355 -14.89 -4.93 24.09
C CYS B 355 -15.73 -4.23 23.05
N VAL B 356 -15.37 -2.97 22.85
CA VAL B 356 -16.01 -2.09 21.90
C VAL B 356 -14.83 -1.44 21.17
N PHE B 357 -14.77 -1.58 19.85
CA PHE B 357 -13.62 -1.08 19.11
C PHE B 357 -14.08 -0.14 17.99
N PRO B 358 -14.23 1.17 18.33
CA PRO B 358 -14.72 2.19 17.38
C PRO B 358 -13.85 2.32 16.12
N PHE B 359 -12.56 2.01 16.25
CA PHE B 359 -11.67 1.95 15.11
C PHE B 359 -12.24 1.14 13.96
N ILE B 360 -12.82 -0.02 14.24
CA ILE B 360 -13.33 -0.90 13.18
C ILE B 360 -14.67 -0.39 12.66
N SER B 361 -15.58 -0.09 13.59
CA SER B 361 -16.82 0.58 13.28
C SER B 361 -17.13 1.60 14.39
N PRO B 362 -17.39 2.87 14.01
CA PRO B 362 -17.61 3.37 12.65
C PRO B 362 -16.36 3.75 11.88
N GLN B 363 -15.24 3.95 12.56
CA GLN B 363 -14.07 4.61 11.95
C GLN B 363 -13.60 4.00 10.62
N MET B 364 -13.43 2.68 10.59
CA MET B 364 -12.98 2.00 9.36
C MET B 364 -14.07 1.12 8.72
N ASP B 365 -15.33 1.46 8.99
CA ASP B 365 -16.48 0.72 8.46
C ASP B 365 -16.74 1.13 7.00
N PRO B 366 -16.61 0.16 6.07
CA PRO B 366 -16.78 0.40 4.62
C PRO B 366 -18.19 0.88 4.23
N GLN B 367 -19.20 0.44 4.98
CA GLN B 367 -20.58 0.82 4.69
C GLN B 367 -20.93 2.21 5.22
N ILE B 368 -20.00 2.82 5.96
CA ILE B 368 -20.18 4.17 6.49
C ILE B 368 -19.25 5.11 5.77
N HIS B 369 -17.97 4.78 5.77
CA HIS B 369 -16.98 5.54 5.00
C HIS B 369 -16.47 4.69 3.87
N GLN B 370 -16.66 5.16 2.64
CA GLN B 370 -16.11 4.43 1.52
C GLN B 370 -14.63 4.78 1.33
N GLN B 371 -13.84 3.76 1.03
CA GLN B 371 -12.37 3.85 1.01
C GLN B 371 -11.81 4.31 2.38
N PRO B 372 -12.12 3.57 3.45
CA PRO B 372 -11.76 4.01 4.81
C PRO B 372 -10.26 4.04 5.09
N GLU B 373 -9.49 3.18 4.42
CA GLU B 373 -8.04 3.14 4.66
C GLU B 373 -7.29 4.32 4.00
N MET B 374 -8.04 5.22 3.39
CA MET B 374 -7.46 6.37 2.69
C MET B 374 -7.75 7.70 3.38
N PHE B 375 -6.71 8.51 3.53
CA PHE B 375 -6.82 9.86 4.09
C PHE B 375 -7.54 10.82 3.13
N GLN B 376 -8.81 11.09 3.42
CA GLN B 376 -9.59 12.08 2.67
C GLN B 376 -9.81 13.34 3.53
N PHE B 377 -8.93 14.32 3.36
CA PHE B 377 -8.93 15.52 4.18
C PHE B 377 -10.31 16.19 4.29
N ASP B 378 -11.05 16.18 3.18
CA ASP B 378 -12.36 16.84 3.11
C ASP B 378 -13.53 15.92 3.51
N ARG B 379 -13.22 14.79 4.13
CA ARG B 379 -14.24 13.80 4.54
C ARG B 379 -15.28 14.35 5.51
N PHE B 380 -14.90 15.36 6.30
CA PHE B 380 -15.80 15.94 7.30
C PHE B 380 -16.18 17.39 6.98
N LEU B 381 -16.42 17.63 5.70
CA LEU B 381 -16.80 18.96 5.20
C LEU B 381 -17.94 18.82 4.20
N ASN B 382 -18.80 19.84 4.15
CA ASN B 382 -19.81 19.90 3.10
C ASN B 382 -19.25 20.70 1.93
N ALA B 383 -20.02 20.82 0.86
CA ALA B 383 -19.65 21.68 -0.26
C ALA B 383 -19.26 23.06 0.28
N ASP B 384 -20.13 23.60 1.13
CA ASP B 384 -19.99 24.95 1.70
C ASP B 384 -18.77 25.07 2.60
N ARG B 385 -17.94 24.03 2.62
CA ARG B 385 -16.86 23.89 3.59
C ARG B 385 -17.39 23.97 5.03
N THR B 386 -18.67 23.61 5.18
CA THR B 386 -19.34 23.49 6.48
C THR B 386 -19.16 22.07 7.01
N GLU B 387 -19.08 21.95 8.34
CA GLU B 387 -18.96 20.66 9.03
C GLU B 387 -20.00 19.65 8.51
N LYS B 388 -19.54 18.57 7.88
CA LYS B 388 -20.41 17.52 7.41
C LYS B 388 -20.82 16.62 8.56
N LYS B 389 -22.13 16.48 8.76
CA LYS B 389 -22.67 15.66 9.84
C LYS B 389 -23.56 14.52 9.33
N ASP B 390 -23.76 14.47 8.01
CA ASP B 390 -24.59 13.43 7.37
C ASP B 390 -23.84 12.14 7.10
N PHE B 391 -24.10 11.11 7.91
CA PHE B 391 -23.43 9.81 7.76
C PHE B 391 -24.41 8.65 7.93
N PHE B 392 -24.31 7.64 7.07
CA PHE B 392 -25.31 6.59 7.03
C PHE B 392 -24.68 5.19 6.98
N LYS B 393 -25.42 4.20 7.46
CA LYS B 393 -25.05 2.80 7.29
C LYS B 393 -26.30 2.00 6.90
N ASN B 394 -26.26 1.39 5.71
CA ASN B 394 -27.40 0.65 5.17
C ASN B 394 -28.71 1.48 5.17
N GLY B 395 -28.61 2.77 4.86
CA GLY B 395 -29.75 3.68 4.94
C GLY B 395 -30.21 4.11 6.33
N ALA B 396 -29.46 3.72 7.37
CA ALA B 396 -29.73 4.15 8.73
C ALA B 396 -28.76 5.26 9.17
N ARG B 397 -29.29 6.28 9.84
CA ARG B 397 -28.45 7.37 10.36
C ARG B 397 -27.35 6.89 11.34
N VAL B 398 -26.11 7.27 11.05
CA VAL B 398 -25.01 7.10 11.99
C VAL B 398 -24.77 8.46 12.62
N LYS B 399 -24.97 8.53 13.93
CA LYS B 399 -24.84 9.79 14.66
C LYS B 399 -23.38 10.23 14.78
N TYR B 400 -22.50 9.31 15.20
CA TYR B 400 -21.09 9.62 15.42
C TYR B 400 -20.20 8.85 14.44
N PRO B 401 -19.75 9.52 13.38
CA PRO B 401 -18.89 8.86 12.38
C PRO B 401 -17.51 8.43 12.87
N SER B 402 -17.05 9.00 13.98
CA SER B 402 -15.75 8.66 14.56
C SER B 402 -15.81 8.80 16.07
N VAL B 403 -15.15 7.89 16.79
CA VAL B 403 -15.28 7.84 18.26
C VAL B 403 -13.91 7.85 18.96
N PRO B 404 -13.07 8.86 18.67
CA PRO B 404 -11.69 8.80 19.17
C PRO B 404 -11.59 9.01 20.68
N TRP B 405 -12.67 9.52 21.30
CA TRP B 405 -12.68 9.88 22.74
C TRP B 405 -13.50 8.95 23.66
N GLY B 406 -14.20 7.99 23.08
CA GLY B 406 -15.04 7.09 23.86
C GLY B 406 -16.52 7.42 23.84
N THR B 407 -17.26 6.70 24.67
CA THR B 407 -18.68 6.90 25.00
C THR B 407 -19.02 8.36 25.31
N GLU B 408 -20.14 8.81 24.77
CA GLU B 408 -20.64 10.19 24.92
C GLU B 408 -20.76 10.72 26.36
N ASP B 409 -20.97 9.82 27.33
CA ASP B 409 -21.05 10.20 28.76
C ASP B 409 -19.74 9.94 29.51
N ASN B 410 -18.75 9.37 28.82
CA ASN B 410 -17.47 9.05 29.42
C ASN B 410 -16.34 9.44 28.46
N LEU B 411 -16.43 10.68 27.96
CA LEU B 411 -15.48 11.20 26.98
C LEU B 411 -14.18 11.53 27.66
N CYS B 412 -13.07 11.23 26.98
CA CYS B 412 -11.74 11.58 27.46
C CYS B 412 -11.76 12.99 28.03
N PRO B 413 -11.38 13.14 29.31
CA PRO B 413 -11.31 14.47 29.95
C PRO B 413 -10.14 15.30 29.44
N GLY B 414 -9.13 14.64 28.87
CA GLY B 414 -7.95 15.34 28.37
C GLY B 414 -8.10 15.80 26.93
N ARG B 415 -9.27 15.50 26.34
CA ARG B 415 -9.47 15.68 24.90
C ARG B 415 -9.13 17.09 24.36
N HIS B 416 -9.57 18.13 25.09
CA HIS B 416 -9.43 19.51 24.63
C HIS B 416 -7.97 19.95 24.68
N PHE B 417 -7.35 19.64 25.81
CA PHE B 417 -5.95 19.89 26.01
C PHE B 417 -5.13 19.23 24.90
N ALA B 418 -5.51 18.00 24.53
CA ALA B 418 -4.82 17.26 23.47
C ALA B 418 -4.96 17.95 22.12
N VAL B 419 -6.15 18.46 21.84
CA VAL B 419 -6.41 19.20 20.60
C VAL B 419 -5.64 20.53 20.54
N HIS B 420 -5.64 21.31 21.62
CA HIS B 420 -4.87 22.55 21.65
C HIS B 420 -3.41 22.22 21.31
N ALA B 421 -2.85 21.24 22.04
CA ALA B 421 -1.48 20.77 21.83
C ALA B 421 -1.18 20.35 20.39
N ILE B 422 -1.98 19.45 19.84
CA ILE B 422 -1.84 19.03 18.44
C ILE B 422 -1.89 20.25 17.54
N LYS B 423 -2.95 21.07 17.70
CA LYS B 423 -3.16 22.28 16.88
C LYS B 423 -1.95 23.21 16.90
N GLU B 424 -1.42 23.46 18.10
CA GLU B 424 -0.31 24.39 18.28
C GLU B 424 0.98 23.99 17.57
N LEU B 425 1.38 22.72 17.69
CA LEU B 425 2.59 22.23 17.03
C LEU B 425 2.46 22.26 15.52
N VAL B 426 1.33 21.79 15.01
CA VAL B 426 1.11 21.75 13.58
C VAL B 426 1.18 23.19 13.04
N PHE B 427 0.45 24.08 13.71
CA PHE B 427 0.42 25.51 13.35
C PHE B 427 1.84 26.09 13.20
N THR B 428 2.66 25.86 14.21
CA THR B 428 4.03 26.40 14.22
C THR B 428 4.92 25.75 13.16
N ILE B 429 4.65 24.50 12.82
CA ILE B 429 5.39 23.84 11.76
C ILE B 429 5.05 24.48 10.42
N LEU B 430 3.76 24.66 10.19
CA LEU B 430 3.26 25.22 8.94
C LEU B 430 3.44 26.73 8.84
N THR B 431 3.95 27.35 9.91
CA THR B 431 4.18 28.80 9.90
C THR B 431 5.67 29.16 10.03
N ARG B 432 6.30 28.71 11.11
CA ARG B 432 7.63 29.18 11.47
C ARG B 432 8.78 28.34 10.91
N PHE B 433 8.44 27.30 10.14
CA PHE B 433 9.42 26.31 9.71
C PHE B 433 9.26 25.88 8.26
N ASP B 434 10.39 25.59 7.62
CA ASP B 434 10.41 24.91 6.33
C ASP B 434 10.60 23.43 6.61
N VAL B 435 9.67 22.62 6.14
CA VAL B 435 9.70 21.18 6.38
C VAL B 435 9.47 20.41 5.08
N GLU B 436 10.36 19.47 4.81
CA GLU B 436 10.32 18.73 3.56
C GLU B 436 10.66 17.27 3.80
N LEU B 437 10.08 16.40 2.98
CA LEU B 437 10.35 14.97 3.00
C LEU B 437 11.70 14.68 2.37
N CYS B 438 12.44 13.72 2.94
CA CYS B 438 13.70 13.28 2.36
C CYS B 438 13.50 12.61 1.00
N ASP B 439 12.90 11.42 1.01
CA ASP B 439 12.56 10.72 -0.23
C ASP B 439 11.12 11.05 -0.63
N LYS B 440 10.94 12.21 -1.24
CA LYS B 440 9.63 12.76 -1.59
C LYS B 440 8.59 11.70 -1.96
N ASN B 441 8.98 10.75 -2.80
CA ASN B 441 8.09 9.66 -3.25
C ASN B 441 7.30 9.01 -2.12
N ALA B 442 8.02 8.63 -1.05
CA ALA B 442 7.47 7.85 0.08
C ALA B 442 6.13 8.34 0.61
N THR B 443 5.28 7.39 0.96
CA THR B 443 3.99 7.64 1.62
C THR B 443 4.14 7.47 3.13
N VAL B 444 3.06 7.73 3.86
CA VAL B 444 3.04 7.56 5.32
C VAL B 444 3.43 6.15 5.76
N PRO B 445 4.22 6.03 6.85
CA PRO B 445 4.63 4.72 7.38
C PRO B 445 3.44 3.88 7.81
N LEU B 446 3.58 2.56 7.66
CA LEU B 446 2.52 1.65 8.09
C LEU B 446 2.50 1.52 9.60
N VAL B 447 1.37 1.01 10.10
CA VAL B 447 1.12 0.93 11.53
C VAL B 447 1.85 -0.28 12.12
N ASP B 448 2.51 -0.05 13.27
CA ASP B 448 2.97 -1.13 14.14
C ASP B 448 1.70 -1.72 14.76
N PRO B 449 1.33 -2.95 14.36
CA PRO B 449 0.03 -3.49 14.71
C PRO B 449 -0.11 -3.87 16.19
N SER B 450 1.03 -3.90 16.89
CA SER B 450 1.04 -4.22 18.31
C SER B 450 0.49 -3.06 19.14
N ARG B 451 0.10 -1.98 18.46
CA ARG B 451 -0.37 -0.77 19.12
C ARG B 451 -1.89 -0.64 19.14
N TYR B 452 -2.57 -1.52 18.40
CA TYR B 452 -4.01 -1.52 18.38
C TYR B 452 -4.54 -1.74 19.78
N GLY B 453 -5.55 -0.95 20.15
CA GLY B 453 -6.14 -1.01 21.49
C GLY B 453 -5.61 -0.01 22.50
N PHE B 454 -4.48 0.62 22.19
CA PHE B 454 -3.74 1.36 23.21
C PHE B 454 -3.87 2.88 23.14
N GLY B 455 -4.54 3.37 22.11
CA GLY B 455 -4.69 4.82 21.92
C GLY B 455 -4.33 5.15 20.48
N ILE B 456 -3.59 6.24 20.28
CA ILE B 456 -3.17 6.58 18.92
C ILE B 456 -2.14 5.57 18.44
N LEU B 457 -2.33 5.15 17.19
CA LEU B 457 -1.45 4.23 16.55
C LEU B 457 -0.06 4.84 16.37
N GLN B 458 0.97 4.02 16.54
CA GLN B 458 2.35 4.45 16.29
C GLN B 458 2.91 3.75 15.04
N PRO B 459 3.80 4.45 14.30
CA PRO B 459 4.25 3.94 13.00
C PRO B 459 5.27 2.81 13.16
N ALA B 460 5.42 1.98 12.13
CA ALA B 460 6.39 0.88 12.14
C ALA B 460 7.83 1.42 12.17
N GLY B 461 8.24 2.05 11.08
CA GLY B 461 9.46 2.83 11.07
C GLY B 461 9.07 4.28 11.21
N ASP B 462 10.03 5.15 11.52
CA ASP B 462 9.77 6.57 11.47
C ASP B 462 9.67 7.02 10.00
N LEU B 463 9.51 8.33 9.78
CA LEU B 463 9.53 8.90 8.43
C LEU B 463 10.56 10.03 8.43
N GLU B 464 11.52 9.96 7.51
CA GLU B 464 12.63 10.92 7.50
C GLU B 464 12.24 12.26 6.89
N ILE B 465 12.44 13.32 7.67
CA ILE B 465 12.18 14.67 7.21
C ILE B 465 13.41 15.57 7.38
N ARG B 466 13.40 16.69 6.68
CA ARG B 466 14.40 17.73 6.88
C ARG B 466 13.71 19.05 7.20
N TYR B 467 14.28 19.79 8.16
CA TYR B 467 13.66 21.01 8.67
C TYR B 467 14.64 22.17 8.93
N ARG B 468 14.11 23.38 8.94
CA ARG B 468 14.84 24.64 9.17
C ARG B 468 13.85 25.77 9.47
N ILE B 469 14.35 26.97 9.76
CA ILE B 469 13.50 28.13 10.06
C ILE B 469 13.14 28.96 8.81
N ARG B 470 12.52 30.14 9.03
CA ARG B 470 12.15 31.06 7.95
C ARG B 470 12.33 32.52 8.36
CHA HEM C . 3.17 -13.45 -23.38
CHB HEM C . 4.77 -8.93 -24.10
CHC HEM C . 0.32 -7.25 -23.17
CHD HEM C . -1.20 -11.69 -22.02
C1A HEM C . 3.98 -12.39 -23.72
C2A HEM C . 5.34 -12.48 -24.20
C3A HEM C . 5.79 -11.23 -24.39
C4A HEM C . 4.73 -10.31 -24.05
CMA HEM C . 7.19 -10.81 -24.91
CAA HEM C . 6.11 -13.80 -24.45
CBA HEM C . 6.40 -14.52 -23.12
CGA HEM C . 7.28 -15.74 -23.30
O1A HEM C . 7.52 -16.19 -24.45
O2A HEM C . 7.76 -16.27 -22.29
C1B HEM C . 3.69 -8.07 -23.96
C2B HEM C . 3.67 -6.63 -24.22
C3B HEM C . 2.44 -6.18 -23.98
C4B HEM C . 1.65 -7.32 -23.53
CMB HEM C . 4.90 -5.82 -24.72
CAB HEM C . 1.84 -4.74 -24.10
CBB HEM C . 2.53 -3.65 -24.45
C1C HEM C . -0.48 -8.31 -22.81
C2C HEM C . -1.90 -8.22 -22.55
C3C HEM C . -2.33 -9.46 -22.23
C4C HEM C . -1.17 -10.34 -22.28
CMC HEM C . -2.71 -6.91 -22.64
CAC HEM C . -3.75 -9.95 -21.86
CBC HEM C . -4.84 -9.51 -22.46
C1D HEM C . -0.15 -12.57 -22.25
C2D HEM C . -0.20 -13.99 -21.96
C3D HEM C . 1.15 -14.54 -22.38
C4D HEM C . 1.89 -13.40 -22.88
CMD HEM C . -1.38 -14.78 -21.34
CAD HEM C . 1.63 -15.99 -22.24
CBD HEM C . 1.88 -16.74 -23.55
CGD HEM C . 2.41 -18.11 -23.13
O1D HEM C . 3.64 -18.21 -22.84
O2D HEM C . 1.61 -19.08 -23.06
NA HEM C . 3.65 -11.06 -23.64
NB HEM C . 2.44 -8.45 -23.53
NC HEM C . -0.07 -9.61 -22.63
ND HEM C . 1.09 -12.25 -22.79
FE HEM C . 1.78 -10.34 -23.21
OAW U51 D . 8.04 -15.07 -20.09
CAV U51 D . 9.21 -15.02 -19.67
OAX U51 D . 10.10 -15.78 -20.11
CAR U51 D . 9.60 -14.00 -18.62
CAQ U51 D . 8.53 -12.93 -18.46
CAP U51 D . 8.99 -11.60 -19.07
CAO U51 D . 7.81 -10.77 -19.54
CAN U51 D . 6.79 -11.45 -20.05
CAF U51 D . 5.57 -10.77 -20.58
CAD U51 D . 4.47 -10.89 -19.55
CAC U51 D . 3.76 -9.54 -19.36
CAB U51 D . 2.44 -10.01 -18.79
NAT U51 D . 3.27 -9.25 -20.69
NAS U51 D . 2.38 -10.04 -21.02
CAA U51 D . 2.14 -10.97 -19.93
CAE U51 D . 3.38 -11.83 -19.99
CAG U51 D . 3.18 -13.00 -19.06
CAH U51 D . 3.19 -14.26 -19.50
CAI U51 D . 2.97 -15.35 -18.47
CAJ U51 D . 4.09 -16.38 -18.55
CAK U51 D . 5.25 -16.03 -17.62
CAL U51 D . 6.45 -16.91 -17.96
CAM U51 D . 7.61 -16.69 -16.99
CAU U51 D . 8.67 -17.74 -17.17
OAW U51 E . 1.40 -24.86 -9.02
CAV U51 E . 1.17 -25.74 -9.89
OAX U51 E . 1.39 -26.96 -9.72
CAR U51 E . 0.58 -25.28 -11.22
CAQ U51 E . 1.51 -25.52 -12.40
CAP U51 E . 1.44 -24.39 -13.41
CAO U51 E . 2.09 -23.15 -12.81
CAN U51 E . 2.58 -22.13 -13.52
CAF U51 E . 2.53 -22.12 -15.03
CAD U51 E . 2.05 -20.80 -15.63
CAC U51 E . 0.88 -21.02 -16.57
CAB U51 E . 0.29 -19.64 -16.66
NAT U51 E . -0.11 -21.57 -15.65
NAS U51 E . -0.52 -20.68 -14.88
CAA U51 E . 0.15 -19.43 -15.16
CAE U51 E . 1.55 -19.72 -14.67
CAG U51 E . 2.37 -18.45 -14.77
CAH U51 E . 2.49 -17.57 -13.77
CAI U51 E . 3.35 -16.36 -14.05
CAJ U51 E . 3.92 -15.76 -12.78
CAK U51 E . 4.06 -14.26 -12.98
CAL U51 E . 5.51 -13.81 -13.11
CAM U51 E . 5.94 -13.60 -14.56
CAU U51 E . 7.10 -12.62 -14.63
OAW U51 F . 15.94 -18.18 -9.62
CAV U51 F . 16.46 -17.32 -8.86
OAX U51 F . 16.69 -17.54 -7.64
CAR U51 F . 16.80 -15.97 -9.47
CAQ U51 F . 18.05 -15.32 -8.91
CAP U51 F . 19.16 -15.29 -9.96
CAO U51 F . 19.45 -13.87 -10.42
CAN U51 F . 19.59 -13.57 -11.72
CAF U51 F . 19.44 -14.58 -12.86
CAD U51 F . 18.30 -14.17 -13.79
CAC U51 F . 18.13 -15.04 -15.04
CAB U51 F . 16.76 -14.61 -15.52
NAT U51 F . 17.67 -16.33 -14.54
NAS U51 F . 16.50 -16.25 -14.11
CAA U51 F . 16.02 -14.88 -14.23
CAE U51 F . 16.91 -14.27 -13.15
CAG U51 F . 16.44 -13.03 -12.38
CAH U51 F . 16.29 -11.73 -12.63
CAI U51 F . 16.49 -10.94 -13.89
CAJ U51 F . 15.20 -10.16 -14.18
CAK U51 F . 14.02 -11.12 -14.25
CAL U51 F . 13.09 -10.89 -15.45
CAM U51 F . 12.85 -12.17 -16.24
CAU U51 F . 11.70 -12.99 -15.69
CHA HEM G . -10.02 8.31 28.70
CHB HEM G . -8.37 8.66 24.18
CHC HEM G . -5.43 12.29 25.44
CHD HEM G . -6.61 11.50 30.07
C1A HEM G . -9.88 8.15 27.35
C2A HEM G . -10.74 7.33 26.53
C3A HEM G . -10.28 7.42 25.27
C4A HEM G . -9.13 8.30 25.27
CMA HEM G . -10.86 6.72 24.02
CAA HEM G . -11.94 6.50 27.07
CBA HEM G . -11.49 5.08 27.44
CGA HEM G . -12.53 4.34 28.26
O1A HEM G . -13.68 4.82 28.43
O2A HEM G . -12.21 3.24 28.77
C1B HEM G . -7.48 9.72 24.13
C2B HEM G . -6.91 10.24 22.91
C3B HEM G . -6.10 11.25 23.24
C4B HEM G . -6.13 11.38 24.68
CMB HEM G . -7.23 9.70 21.49
CAB HEM G . -5.26 12.12 22.27
CBB HEM G . -5.61 12.34 20.99
C1C HEM G . -5.50 12.40 26.81
C2C HEM G . -4.82 13.38 27.62
C3C HEM G . -5.15 13.16 28.89
C4C HEM G . -6.05 12.04 28.94
CMC HEM G . -3.88 14.49 27.10
CAC HEM G . -4.66 13.94 30.13
CBC HEM G . -4.85 15.26 30.24
C1D HEM G . -7.61 10.55 30.14
C2D HEM G . -8.17 10.03 31.36
C3D HEM G . -9.25 9.04 30.93
C4D HEM G . -9.20 9.07 29.50
CMD HEM G . -7.77 10.40 32.80
CAD HEM G . -10.16 8.15 31.82
CBD HEM G . -11.56 8.73 32.05
CGD HEM G . -12.23 7.94 33.14
O1D HEM G . -12.23 6.67 33.07
O2D HEM G . -12.76 8.55 34.11
NA HEM G . -8.91 8.74 26.57
NB HEM G . -6.98 10.43 25.20
NC HEM G . -6.24 11.59 27.64
ND HEM G . -8.24 9.95 29.05
FE HEM G . -7.59 10.10 27.11
OAW U51 H . -9.83 2.17 28.61
CAV U51 H . -9.83 0.97 28.21
OAX U51 H . -10.82 0.22 28.29
CAR U51 H . -8.59 0.38 27.58
CAQ U51 H . -7.53 1.44 27.31
CAP U51 H . -7.68 1.90 25.87
CAO U51 H . -6.91 3.17 25.60
CAN U51 H . -7.18 4.24 26.34
CAF U51 H . -6.46 5.52 26.08
CAD U51 H . -5.74 6.05 27.31
CAC U51 H . -4.80 7.15 26.86
CAB U51 H . -4.61 7.97 28.12
NAT U51 H . -5.70 8.09 26.21
NAS U51 H . -6.44 8.64 27.05
CAA U51 H . -6.10 8.14 28.37
CAE U51 H . -6.63 6.71 28.35
CAG U51 H . -6.34 6.11 29.69
CAH U51 H . -7.25 5.41 30.36
CAI U51 H . -6.86 4.81 31.70
CAJ U51 H . -8.03 4.19 32.45
CAK U51 H . -8.84 3.26 31.57
CAL U51 H . -9.10 1.90 32.22
CAM U51 H . -8.36 0.82 31.44
CAU U51 H . -9.18 -0.46 31.37
OAW U51 I . -6.03 10.98 38.79
CAV U51 I . -6.48 11.61 37.81
OAX U51 I . -7.05 12.73 37.92
CAR U51 I . -6.33 11.01 36.43
CAQ U51 I . -7.01 9.65 36.36
CAP U51 I . -6.02 8.52 36.56
CAO U51 I . -6.04 7.62 35.35
CAN U51 I . -6.63 6.42 35.32
CAF U51 I . -7.37 5.79 36.50
CAD U51 I . -6.47 4.82 37.27
CAC U51 I . -6.82 4.71 38.75
CAB U51 I . -6.15 3.41 39.13
NAT U51 I . -8.18 4.16 38.74
NAS U51 I . -8.17 2.98 38.36
CAA U51 I . -6.80 2.57 38.06
CAE U51 I . -6.54 3.36 36.79
CAG U51 I . -5.24 2.97 36.15
CAH U51 I . -5.16 2.79 34.84
CAI U51 I . -3.84 2.40 34.24
CAJ U51 I . -4.01 1.26 33.26
CAK U51 I . -3.07 1.42 32.08
CAL U51 I . -3.84 1.38 30.77
CAM U51 I . -2.94 0.83 29.67
CAU U51 I . -3.68 0.68 28.36
OAW U51 J . -2.98 -12.48 29.95
CAV U51 J . -2.51 -12.47 28.78
OAX U51 J . -1.70 -13.33 28.37
CAR U51 J . -2.96 -11.40 27.82
CAQ U51 J . -4.38 -11.71 27.35
CAP U51 J . -4.40 -12.16 25.89
CAO U51 J . -5.52 -11.47 25.14
CAN U51 J . -6.70 -11.29 25.71
CAF U51 J . -7.84 -10.60 25.00
CAD U51 J . -7.73 -9.07 24.99
CAC U51 J . -9.09 -8.39 25.10
CAB U51 J . -8.68 -6.96 25.37
NAT U51 J . -9.52 -8.62 26.47
NAS U51 J . -8.83 -7.99 27.28
CAA U51 J . -7.82 -7.24 26.58
CAE U51 J . -6.93 -8.41 26.13
CAG U51 J . -5.48 -8.04 25.83
CAH U51 J . -4.92 -7.36 24.81
CAI U51 J . -5.63 -6.73 23.61
CAJ U51 J . -5.12 -5.31 23.41
CAK U51 J . -5.06 -4.52 24.71
CAL U51 J . -5.80 -3.18 24.63
CAM U51 J . -6.56 -2.87 25.91
CAU U51 J . -5.75 -1.96 26.81
#